data_4J5U
#
_entry.id   4J5U
#
_cell.length_a   56.270
_cell.length_b   113.280
_cell.length_c   65.910
_cell.angle_alpha   90.000
_cell.angle_beta   114.910
_cell.angle_gamma   90.000
#
_symmetry.space_group_name_H-M   'P 1 21 1'
#
loop_
_entity.id
_entity.type
_entity.pdbx_description
1 polymer 'Serine hydroxymethyltransferase'
2 water water
#
_entity_poly.entity_id   1
_entity_poly.type   'polypeptide(L)'
_entity_poly.pdbx_seq_one_letter_code
;MNIFNNNLHETDKEINEIIKHEKLRQSSVIELIASENFVSPAVLEAQGALLTNKYAEGYPSKRFYNGCEEVDKAENLAIE
RVKKLFNCKYANVQPHSGSQANQAVYLALLQPGDTVLGMSLDSGGHLTHGAAPNMSGKWFNAVSYSVNKETYLIDYDEIE
RLADLHKPKLLIAGFSAYPRNIDFAKFREIVDKVGAYFMADIAHIAGLVATGEHQSPIPYAHAVTSTTH(LLP)TLRGPR
GGLILSNDEEIGHKINSALFPGLQGGPLMHIIAAKAVAFLENLQPEYKSYIQQVISNAKALASSLQERGYDILTGGTDNH
IVLVDLRKDGITGKLAANSLDRAGITCNKNAIPFDETSPFITSGIRLGTPACTTRGFKEKDFVLVGHMVADILDGLKNNE
DNSALEQQVLNEVTKLIELFPFYG
;
_entity_poly.pdbx_strand_id   A,B
#
# COMPACT_ATOMS: atom_id res chain seq x y z
N MET A 1 0.37 -11.73 28.41
CA MET A 1 -0.95 -11.19 28.12
C MET A 1 -1.49 -11.67 26.77
N ASN A 2 -2.81 -11.69 26.65
CA ASN A 2 -3.51 -12.23 25.49
C ASN A 2 -4.09 -11.08 24.65
N ILE A 3 -3.45 -10.75 23.53
CA ILE A 3 -3.85 -9.56 22.77
C ILE A 3 -5.25 -9.67 22.17
N PHE A 4 -5.79 -10.88 22.10
CA PHE A 4 -7.14 -11.04 21.58
C PHE A 4 -8.19 -10.37 22.49
N ASN A 5 -7.78 -9.98 23.70
CA ASN A 5 -8.62 -9.18 24.58
C ASN A 5 -8.53 -7.68 24.34
N ASN A 6 -7.62 -7.26 23.45
CA ASN A 6 -7.40 -5.84 23.21
C ASN A 6 -8.54 -5.24 22.39
N ASN A 7 -9.39 -4.46 23.05
CA ASN A 7 -10.43 -3.71 22.38
C ASN A 7 -10.06 -2.23 22.32
N LEU A 8 -10.17 -1.63 21.14
CA LEU A 8 -9.68 -0.27 20.91
C LEU A 8 -10.21 0.77 21.88
N HIS A 9 -11.50 0.72 22.19
CA HIS A 9 -12.06 1.73 23.09
C HIS A 9 -11.56 1.60 24.53
N GLU A 10 -10.77 0.57 24.80
CA GLU A 10 -10.19 0.37 26.13
CA GLU A 10 -10.18 0.37 26.12
C GLU A 10 -8.66 0.52 26.12
N THR A 11 -7.99 -0.02 25.11
CA THR A 11 -6.52 0.00 25.07
C THR A 11 -5.88 1.23 24.41
N ASP A 12 -6.61 1.88 23.52
CA ASP A 12 -6.09 3.06 22.87
C ASP A 12 -7.16 4.15 22.70
N LYS A 13 -7.53 4.77 23.83
CA LYS A 13 -8.57 5.80 23.83
C LYS A 13 -8.23 6.97 22.91
N GLU A 14 -6.94 7.32 22.83
CA GLU A 14 -6.50 8.43 21.99
CA GLU A 14 -6.52 8.44 21.99
C GLU A 14 -6.84 8.18 20.52
N ILE A 15 -6.45 7.01 20.02
CA ILE A 15 -6.82 6.65 18.64
C ILE A 15 -8.35 6.50 18.47
N ASN A 16 -9.02 5.90 19.44
CA ASN A 16 -10.48 5.76 19.35
C ASN A 16 -11.13 7.12 19.22
N GLU A 17 -10.70 8.07 20.04
CA GLU A 17 -11.25 9.41 19.98
C GLU A 17 -10.98 10.10 18.66
N ILE A 18 -9.78 9.89 18.11
CA ILE A 18 -9.43 10.49 16.82
C ILE A 18 -10.32 9.94 15.71
N ILE A 19 -10.58 8.63 15.72
CA ILE A 19 -11.47 8.04 14.73
C ILE A 19 -12.90 8.59 14.89
N LYS A 20 -13.36 8.73 16.13
CA LYS A 20 -14.69 9.26 16.35
C LYS A 20 -14.81 10.67 15.82
N HIS A 21 -13.77 11.48 16.05
CA HIS A 21 -13.79 12.87 15.60
C HIS A 21 -13.66 13.01 14.09
N GLU A 22 -12.92 12.09 13.47
CA GLU A 22 -12.85 12.03 12.03
C GLU A 22 -14.20 11.68 11.40
N LYS A 23 -14.94 10.78 12.02
CA LYS A 23 -16.31 10.49 11.54
C LYS A 23 -17.17 11.74 11.62
N LEU A 24 -17.09 12.45 12.74
CA LEU A 24 -17.84 13.70 12.92
C LEU A 24 -17.46 14.75 11.89
N ARG A 25 -16.15 14.89 11.64
CA ARG A 25 -15.68 15.88 10.68
C ARG A 25 -16.20 15.57 9.29
N GLN A 26 -16.05 14.31 8.88
CA GLN A 26 -16.56 13.89 7.57
C GLN A 26 -18.06 14.15 7.47
N SER A 27 -18.77 13.94 8.57
CA SER A 27 -20.23 14.10 8.54
C SER A 27 -20.69 15.55 8.47
N SER A 28 -19.84 16.47 8.91
CA SER A 28 -20.29 17.84 9.12
CA SER A 28 -20.21 17.86 9.16
C SER A 28 -19.84 18.83 8.04
N VAL A 29 -19.09 18.35 7.06
CA VAL A 29 -18.63 19.26 6.03
C VAL A 29 -19.26 18.95 4.68
N ILE A 30 -19.23 19.95 3.79
CA ILE A 30 -19.52 19.71 2.38
C ILE A 30 -18.19 19.45 1.68
N GLU A 31 -17.98 18.16 1.39
CA GLU A 31 -16.71 17.66 0.86
C GLU A 31 -16.69 17.77 -0.66
N LEU A 32 -15.95 18.76 -1.17
CA LEU A 32 -15.88 19.00 -2.61
C LEU A 32 -14.50 18.69 -3.18
N ILE A 33 -13.67 17.99 -2.41
CA ILE A 33 -12.38 17.54 -2.93
C ILE A 33 -12.68 16.46 -3.97
N ALA A 34 -12.26 16.68 -5.22
CA ALA A 34 -12.71 15.86 -6.35
C ALA A 34 -12.26 14.41 -6.30
N SER A 35 -11.16 14.15 -5.60
CA SER A 35 -10.61 12.81 -5.50
C SER A 35 -11.18 12.01 -4.34
N GLU A 36 -12.08 12.63 -3.58
CA GLU A 36 -12.63 11.96 -2.40
C GLU A 36 -13.99 11.34 -2.63
N ASN A 37 -14.31 10.36 -1.79
CA ASN A 37 -15.62 9.71 -1.80
C ASN A 37 -15.86 9.11 -0.42
N PHE A 38 -17.02 8.46 -0.24
CA PHE A 38 -17.31 7.73 0.99
C PHE A 38 -17.60 6.28 0.65
N VAL A 39 -16.84 5.34 1.22
CA VAL A 39 -17.06 3.91 0.92
C VAL A 39 -18.18 3.34 1.77
N SER A 40 -18.75 2.21 1.34
CA SER A 40 -19.86 1.61 2.07
C SER A 40 -19.37 0.96 3.36
N PRO A 41 -20.30 0.74 4.32
CA PRO A 41 -19.97 -0.05 5.52
C PRO A 41 -19.48 -1.45 5.14
N ALA A 42 -19.95 -1.98 4.01
CA ALA A 42 -19.53 -3.30 3.57
C ALA A 42 -18.04 -3.33 3.19
N VAL A 43 -17.61 -2.29 2.49
CA VAL A 43 -16.21 -2.14 2.11
C VAL A 43 -15.35 -1.99 3.36
N LEU A 44 -15.81 -1.18 4.31
CA LEU A 44 -15.09 -0.99 5.57
C LEU A 44 -14.96 -2.31 6.35
N GLU A 45 -16.02 -3.10 6.38
CA GLU A 45 -15.95 -4.39 7.09
C GLU A 45 -14.89 -5.33 6.50
N ALA A 46 -14.83 -5.45 5.18
CA ALA A 46 -13.79 -6.24 4.53
C ALA A 46 -12.39 -5.64 4.73
N GLN A 47 -12.28 -4.32 4.59
CA GLN A 47 -11.04 -3.60 4.82
C GLN A 47 -10.44 -3.90 6.20
N GLY A 48 -11.27 -4.10 7.21
CA GLY A 48 -10.75 -4.40 8.54
C GLY A 48 -10.62 -5.88 8.83
N ALA A 49 -10.61 -6.70 7.79
CA ALA A 49 -10.64 -8.15 7.98
C ALA A 49 -9.30 -8.73 8.44
N LEU A 50 -9.37 -9.87 9.14
CA LEU A 50 -8.18 -10.59 9.55
C LEU A 50 -7.41 -11.22 8.39
N LEU A 51 -7.86 -10.96 7.16
CA LEU A 51 -7.08 -11.36 5.99
C LEU A 51 -5.70 -10.69 5.97
N THR A 52 -5.55 -9.62 6.75
CA THR A 52 -4.24 -8.97 6.89
C THR A 52 -3.17 -9.92 7.45
N ASN A 53 -3.61 -10.92 8.20
CA ASN A 53 -2.66 -11.88 8.77
C ASN A 53 -1.99 -12.81 7.75
N LYS A 54 -2.50 -12.88 6.53
CA LYS A 54 -1.97 -13.83 5.56
C LYS A 54 -0.97 -13.23 4.59
N TYR A 55 0.21 -13.87 4.50
CA TYR A 55 1.19 -13.52 3.48
C TYR A 55 0.86 -14.28 2.21
N ALA A 56 0.76 -13.57 1.10
CA ALA A 56 0.31 -14.19 -0.14
C ALA A 56 1.05 -13.63 -1.33
N GLU A 57 2.36 -13.47 -1.20
CA GLU A 57 3.22 -13.19 -2.35
C GLU A 57 2.90 -14.13 -3.50
N GLY A 58 2.84 -13.57 -4.72
CA GLY A 58 2.51 -14.36 -5.90
C GLY A 58 1.09 -14.05 -6.31
N TYR A 59 0.44 -14.99 -6.98
CA TYR A 59 -0.90 -14.78 -7.51
C TYR A 59 -1.76 -16.00 -7.20
N PRO A 60 -3.11 -15.89 -7.29
CA PRO A 60 -3.96 -17.04 -6.95
C PRO A 60 -3.51 -18.35 -7.60
N SER A 61 -3.40 -19.39 -6.78
CA SER A 61 -2.98 -20.73 -7.21
C SER A 61 -1.50 -20.77 -7.57
N LYS A 62 -0.82 -19.64 -7.46
CA LYS A 62 0.62 -19.58 -7.76
C LYS A 62 1.34 -18.71 -6.72
N ARG A 63 1.10 -19.03 -5.46
CA ARG A 63 1.63 -18.28 -4.33
C ARG A 63 2.95 -18.84 -3.84
N PHE A 64 3.67 -18.04 -3.06
CA PHE A 64 4.95 -18.49 -2.47
C PHE A 64 4.80 -18.83 -0.98
N TYR A 65 3.56 -19.05 -0.58
CA TYR A 65 3.23 -19.47 0.79
C TYR A 65 2.05 -20.43 0.70
N ASN A 66 2.10 -21.51 1.46
CA ASN A 66 0.92 -22.36 1.56
C ASN A 66 -0.15 -21.67 2.41
N GLY A 67 -1.35 -22.20 2.38
CA GLY A 67 -2.42 -21.69 3.22
C GLY A 67 -3.26 -20.59 2.60
N CYS A 68 -3.07 -20.34 1.30
CA CYS A 68 -3.75 -19.23 0.64
C CYS A 68 -5.09 -19.57 -0.03
N GLU A 69 -5.65 -20.75 0.23
CA GLU A 69 -6.89 -21.15 -0.44
C GLU A 69 -8.05 -20.17 -0.32
N GLU A 70 -8.21 -19.54 0.84
CA GLU A 70 -9.33 -18.62 1.03
C GLU A 70 -9.02 -17.22 0.48
N VAL A 71 -7.82 -16.72 0.73
CA VAL A 71 -7.45 -15.41 0.18
C VAL A 71 -7.45 -15.46 -1.35
N ASP A 72 -7.12 -16.63 -1.90
CA ASP A 72 -7.16 -16.83 -3.35
C ASP A 72 -8.56 -16.63 -3.90
N LYS A 73 -9.56 -17.11 -3.17
CA LYS A 73 -10.96 -16.92 -3.56
C LYS A 73 -11.33 -15.43 -3.60
N ALA A 74 -10.86 -14.66 -2.63
CA ALA A 74 -11.16 -13.23 -2.61
C ALA A 74 -10.51 -12.48 -3.77
N GLU A 75 -9.23 -12.76 -4.03
CA GLU A 75 -8.54 -12.11 -5.14
C GLU A 75 -9.16 -12.49 -6.47
N ASN A 76 -9.49 -13.77 -6.65
CA ASN A 76 -10.13 -14.21 -7.89
C ASN A 76 -11.47 -13.50 -8.12
N LEU A 77 -12.23 -13.31 -7.04
CA LEU A 77 -13.50 -12.60 -7.15
C LEU A 77 -13.25 -11.15 -7.55
N ALA A 78 -12.24 -10.53 -6.97
CA ALA A 78 -11.91 -9.17 -7.34
C ALA A 78 -11.55 -9.10 -8.82
N ILE A 79 -10.74 -10.06 -9.28
CA ILE A 79 -10.31 -10.08 -10.67
C ILE A 79 -11.49 -10.29 -11.62
N GLU A 80 -12.35 -11.25 -11.30
CA GLU A 80 -13.47 -11.56 -12.19
C GLU A 80 -14.50 -10.44 -12.27
N ARG A 81 -14.81 -9.85 -11.11
CA ARG A 81 -15.73 -8.72 -11.04
C ARG A 81 -15.22 -7.50 -11.81
N VAL A 82 -13.94 -7.15 -11.64
CA VAL A 82 -13.40 -5.99 -12.34
C VAL A 82 -13.27 -6.25 -13.86
N LYS A 83 -13.04 -7.49 -14.25
CA LYS A 83 -12.96 -7.79 -15.68
C LYS A 83 -14.33 -7.64 -16.33
N LYS A 84 -15.37 -7.98 -15.59
CA LYS A 84 -16.72 -7.84 -16.08
C LYS A 84 -17.09 -6.36 -16.16
N LEU A 85 -16.71 -5.63 -15.13
CA LEU A 85 -17.01 -4.21 -15.02
C LEU A 85 -16.41 -3.41 -16.15
N PHE A 86 -15.16 -3.72 -16.49
CA PHE A 86 -14.44 -2.99 -17.54
C PHE A 86 -14.35 -3.76 -18.85
N ASN A 87 -15.00 -4.91 -18.93
CA ASN A 87 -15.03 -5.71 -20.14
CA ASN A 87 -15.03 -5.70 -20.16
C ASN A 87 -13.62 -5.95 -20.71
N CYS A 88 -12.70 -6.36 -19.84
CA CYS A 88 -11.32 -6.59 -20.24
C CYS A 88 -10.81 -8.01 -19.92
N LYS A 89 -9.73 -8.38 -20.60
CA LYS A 89 -9.16 -9.73 -20.47
C LYS A 89 -8.18 -9.92 -19.31
N TYR A 90 -7.55 -8.83 -18.86
CA TYR A 90 -6.51 -8.90 -17.83
C TYR A 90 -6.79 -7.90 -16.74
N ALA A 91 -6.54 -8.30 -15.50
CA ALA A 91 -6.63 -7.41 -14.34
C ALA A 91 -5.58 -7.78 -13.31
N ASN A 92 -5.02 -6.76 -12.69
CA ASN A 92 -4.17 -6.94 -11.52
C ASN A 92 -4.77 -6.13 -10.38
N VAL A 93 -5.19 -6.79 -9.29
CA VAL A 93 -5.85 -6.07 -8.21
C VAL A 93 -4.95 -5.88 -7.00
N GLN A 94 -3.67 -6.25 -7.14
CA GLN A 94 -2.69 -6.09 -6.07
C GLN A 94 -2.03 -4.72 -5.81
N PRO A 95 -2.02 -3.79 -6.79
CA PRO A 95 -1.30 -2.53 -6.48
C PRO A 95 -1.78 -1.84 -5.20
N HIS A 96 -0.85 -1.43 -4.35
CA HIS A 96 -1.20 -0.79 -3.08
C HIS A 96 -1.85 0.59 -3.24
N SER A 97 -1.70 1.18 -4.42
CA SER A 97 -2.19 2.54 -4.67
C SER A 97 -2.18 2.82 -6.16
N GLY A 98 -2.72 3.97 -6.56
CA GLY A 98 -2.63 4.39 -7.95
C GLY A 98 -1.20 4.63 -8.38
N SER A 99 -0.39 5.19 -7.48
CA SER A 99 1.03 5.44 -7.78
C SER A 99 1.78 4.15 -8.06
N GLN A 100 1.53 3.13 -7.24
CA GLN A 100 2.23 1.86 -7.45
C GLN A 100 1.73 1.17 -8.70
N ALA A 101 0.45 1.32 -9.01
CA ALA A 101 -0.08 0.75 -10.25
C ALA A 101 0.69 1.33 -11.44
N ASN A 102 0.92 2.64 -11.41
CA ASN A 102 1.65 3.28 -12.50
C ASN A 102 3.08 2.79 -12.57
N GLN A 103 3.71 2.62 -11.39
CA GLN A 103 5.09 2.20 -11.33
C GLN A 103 5.29 0.80 -11.87
N ALA A 104 4.28 -0.06 -11.69
CA ALA A 104 4.34 -1.43 -12.25
C ALA A 104 4.40 -1.39 -13.78
N VAL A 105 3.66 -0.46 -14.38
CA VAL A 105 3.67 -0.32 -15.83
C VAL A 105 5.04 0.16 -16.29
N TYR A 106 5.63 1.10 -15.57
CA TYR A 106 6.98 1.57 -15.89
CA TYR A 106 6.97 1.56 -15.91
C TYR A 106 7.97 0.42 -15.80
N LEU A 107 7.89 -0.34 -14.72
CA LEU A 107 8.83 -1.46 -14.54
C LEU A 107 8.64 -2.52 -15.63
N ALA A 108 7.40 -2.71 -16.07
CA ALA A 108 7.10 -3.70 -17.10
C ALA A 108 7.63 -3.34 -18.49
N LEU A 109 7.56 -2.06 -18.84
CA LEU A 109 7.76 -1.64 -20.23
C LEU A 109 8.98 -0.76 -20.47
N LEU A 110 9.52 -0.15 -19.42
CA LEU A 110 10.58 0.83 -19.60
C LEU A 110 11.88 0.47 -18.92
N GLN A 111 12.93 1.18 -19.31
CA GLN A 111 14.22 1.17 -18.63
C GLN A 111 14.48 2.61 -18.17
N PRO A 112 15.20 2.77 -17.04
CA PRO A 112 15.56 4.11 -16.60
C PRO A 112 16.21 4.88 -17.73
N GLY A 113 15.82 6.15 -17.90
CA GLY A 113 16.35 6.96 -18.96
C GLY A 113 15.45 7.05 -20.17
N ASP A 114 14.49 6.14 -20.28
CA ASP A 114 13.59 6.13 -21.43
C ASP A 114 12.77 7.39 -21.46
N THR A 115 12.41 7.82 -22.67
CA THR A 115 11.61 9.01 -22.85
C THR A 115 10.13 8.69 -22.61
N VAL A 116 9.47 9.51 -21.81
CA VAL A 116 8.06 9.29 -21.48
C VAL A 116 7.31 10.59 -21.68
N LEU A 117 6.26 10.58 -22.49
CA LEU A 117 5.47 11.79 -22.75
C LEU A 117 4.15 11.77 -21.96
N GLY A 118 3.94 12.74 -21.07
CA GLY A 118 2.71 12.78 -20.28
C GLY A 118 2.20 14.19 -20.09
N MET A 119 0.98 14.33 -19.57
CA MET A 119 0.35 15.65 -19.35
C MET A 119 1.08 16.42 -18.24
N SER A 120 1.45 17.67 -18.51
CA SER A 120 2.19 18.45 -17.51
C SER A 120 1.32 18.74 -16.29
N LEU A 121 2.00 18.92 -15.15
CA LEU A 121 1.32 19.28 -13.90
C LEU A 121 0.51 20.53 -14.11
N ASP A 122 1.12 21.48 -14.84
CA ASP A 122 0.55 22.80 -15.07
C ASP A 122 -0.79 22.70 -15.78
N SER A 123 -0.94 21.67 -16.60
CA SER A 123 -2.19 21.44 -17.33
C SER A 123 -3.17 20.51 -16.62
N GLY A 124 -2.77 19.98 -15.47
CA GLY A 124 -3.67 19.14 -14.69
C GLY A 124 -3.31 17.66 -14.71
N GLY A 125 -2.09 17.35 -15.15
CA GLY A 125 -1.62 15.98 -15.12
C GLY A 125 -1.18 15.58 -13.72
N HIS A 126 -0.85 14.30 -13.53
CA HIS A 126 -0.51 13.79 -12.20
C HIS A 126 0.99 13.73 -11.98
N LEU A 127 1.39 13.79 -10.71
CA LEU A 127 2.78 13.64 -10.28
C LEU A 127 3.52 12.50 -10.96
N THR A 128 2.81 11.39 -11.15
CA THR A 128 3.41 10.15 -11.60
C THR A 128 3.53 10.04 -13.12
N HIS A 129 3.19 11.13 -13.80
CA HIS A 129 3.24 11.17 -15.26
C HIS A 129 4.49 11.86 -15.75
N GLY A 130 5.45 12.07 -14.86
CA GLY A 130 6.74 12.61 -15.26
C GLY A 130 7.21 13.84 -14.51
N ALA A 131 6.52 14.19 -13.42
CA ALA A 131 6.91 15.38 -12.66
C ALA A 131 8.29 15.23 -12.02
N ALA A 132 9.06 16.32 -12.06
CA ALA A 132 10.42 16.34 -11.52
C ALA A 132 10.62 15.76 -10.10
N PRO A 133 9.72 16.04 -9.15
CA PRO A 133 9.97 15.52 -7.80
C PRO A 133 9.61 14.05 -7.60
N ASN A 134 9.08 13.42 -8.64
CA ASN A 134 8.56 12.05 -8.54
C ASN A 134 9.48 11.13 -9.30
N MET A 135 9.50 9.84 -8.92
CA MET A 135 10.30 8.83 -9.62
C MET A 135 10.18 8.93 -11.14
N SER A 136 8.98 9.24 -11.61
CA SER A 136 8.74 9.31 -13.06
C SER A 136 9.56 10.37 -13.76
N GLY A 137 9.83 11.48 -13.08
CA GLY A 137 10.67 12.53 -13.62
C GLY A 137 12.12 12.40 -13.21
N LYS A 138 12.39 11.78 -12.06
CA LYS A 138 13.77 11.64 -11.62
C LYS A 138 14.56 10.61 -12.41
N TRP A 139 13.90 9.52 -12.75
CA TRP A 139 14.55 8.33 -13.27
C TRP A 139 14.27 8.06 -14.74
N PHE A 140 13.52 8.95 -15.37
CA PHE A 140 13.17 8.81 -16.77
C PHE A 140 13.31 10.16 -17.47
N ASN A 141 13.42 10.14 -18.79
CA ASN A 141 13.43 11.39 -19.53
C ASN A 141 12.01 11.87 -19.76
N ALA A 142 11.47 12.62 -18.82
CA ALA A 142 10.09 13.06 -18.90
C ALA A 142 9.95 14.29 -19.78
N VAL A 143 9.08 14.18 -20.79
CA VAL A 143 8.70 15.34 -21.57
C VAL A 143 7.18 15.48 -21.43
N SER A 144 6.66 16.69 -21.58
CA SER A 144 5.24 16.88 -21.33
C SER A 144 4.49 17.49 -22.50
N TYR A 145 3.19 17.26 -22.53
CA TYR A 145 2.29 18.01 -23.40
C TYR A 145 1.35 18.81 -22.50
N SER A 146 0.75 19.85 -23.05
CA SER A 146 -0.11 20.71 -22.27
CA SER A 146 -0.11 20.72 -22.27
C SER A 146 -1.40 20.99 -23.03
N VAL A 147 -2.37 21.57 -22.34
CA VAL A 147 -3.62 21.91 -23.02
C VAL A 147 -3.40 23.10 -23.94
N ASN A 148 -4.37 23.34 -24.82
CA ASN A 148 -4.36 24.51 -25.70
C ASN A 148 -4.46 25.80 -24.89
N LYS A 149 -3.63 26.79 -25.22
CA LYS A 149 -3.55 28.02 -24.44
C LYS A 149 -4.82 28.88 -24.57
N GLU A 150 -5.56 28.68 -25.64
CA GLU A 150 -6.80 29.44 -25.81
C GLU A 150 -8.01 28.72 -25.24
N THR A 151 -8.12 27.41 -25.45
CA THR A 151 -9.31 26.66 -25.06
C THR A 151 -9.20 25.91 -23.75
N TYR A 152 -7.98 25.74 -23.26
CA TYR A 152 -7.69 24.88 -22.09
C TYR A 152 -8.07 23.39 -22.30
N LEU A 153 -8.15 22.99 -23.57
CA LEU A 153 -8.47 21.61 -23.95
C LEU A 153 -7.27 20.88 -24.54
N ILE A 154 -7.26 19.57 -24.38
CA ILE A 154 -6.27 18.71 -25.04
C ILE A 154 -6.26 18.96 -26.54
N ASP A 155 -5.08 19.21 -27.11
CA ASP A 155 -4.89 19.35 -28.55
C ASP A 155 -4.12 18.13 -29.03
N TYR A 156 -4.76 17.30 -29.85
CA TYR A 156 -4.16 16.04 -30.26
C TYR A 156 -3.07 16.25 -31.30
N ASP A 157 -3.26 17.23 -32.18
CA ASP A 157 -2.23 17.61 -33.14
C ASP A 157 -0.94 18.02 -32.40
N GLU A 158 -1.10 18.72 -31.30
CA GLU A 158 0.04 19.13 -30.47
C GLU A 158 0.73 17.94 -29.81
N ILE A 159 -0.08 17.04 -29.25
CA ILE A 159 0.47 15.81 -28.67
C ILE A 159 1.20 15.02 -29.73
N GLU A 160 0.61 14.95 -30.92
CA GLU A 160 1.22 14.22 -32.03
C GLU A 160 2.52 14.90 -32.43
N ARG A 161 2.55 16.23 -32.36
CA ARG A 161 3.76 16.96 -32.71
C ARG A 161 4.89 16.56 -31.76
N LEU A 162 4.58 16.52 -30.47
CA LEU A 162 5.57 16.26 -29.44
C LEU A 162 6.01 14.80 -29.46
N ALA A 163 5.09 13.92 -29.85
CA ALA A 163 5.41 12.51 -30.00
C ALA A 163 6.39 12.29 -31.15
N ASP A 164 6.16 12.98 -32.27
CA ASP A 164 7.06 12.91 -33.42
C ASP A 164 8.43 13.45 -33.05
N LEU A 165 8.43 14.56 -32.31
CA LEU A 165 9.68 15.21 -31.94
C LEU A 165 10.51 14.40 -30.95
N HIS A 166 9.86 13.87 -29.92
CA HIS A 166 10.59 13.26 -28.80
C HIS A 166 10.70 11.75 -28.88
N LYS A 167 9.91 11.14 -29.76
CA LYS A 167 9.88 9.68 -29.91
C LYS A 167 9.84 8.98 -28.57
N PRO A 168 8.80 9.24 -27.76
CA PRO A 168 8.73 8.62 -26.44
C PRO A 168 8.56 7.10 -26.54
N LYS A 169 9.04 6.38 -25.53
CA LYS A 169 8.76 4.95 -25.44
C LYS A 169 7.37 4.70 -24.87
N LEU A 170 6.88 5.66 -24.09
CA LEU A 170 5.57 5.53 -23.47
C LEU A 170 4.84 6.85 -23.56
N LEU A 171 3.56 6.81 -23.94
CA LEU A 171 2.74 8.01 -23.93
C LEU A 171 1.61 7.78 -22.92
N ILE A 172 1.46 8.69 -21.97
CA ILE A 172 0.40 8.58 -20.95
C ILE A 172 -0.74 9.56 -21.23
N ALA A 173 -1.98 9.06 -21.10
CA ALA A 173 -3.18 9.87 -21.11
C ALA A 173 -3.83 9.70 -19.76
N GLY A 174 -4.46 10.75 -19.26
CA GLY A 174 -5.04 10.71 -17.92
C GLY A 174 -4.64 11.96 -17.17
N PHE A 175 -5.38 12.27 -16.12
CA PHE A 175 -5.20 13.55 -15.48
C PHE A 175 -5.71 13.54 -14.06
N SER A 176 -5.45 14.59 -13.32
CA SER A 176 -6.02 14.74 -11.99
CA SER A 176 -6.03 14.73 -11.99
C SER A 176 -6.91 15.97 -11.88
N ALA A 177 -6.77 16.89 -12.84
CA ALA A 177 -7.58 18.10 -12.84
C ALA A 177 -7.88 18.57 -14.26
N TYR A 178 -8.80 17.87 -14.92
CA TYR A 178 -9.23 18.21 -16.26
C TYR A 178 -10.71 17.89 -16.36
N PRO A 179 -11.52 18.82 -16.89
CA PRO A 179 -12.97 18.67 -16.80
C PRO A 179 -13.64 18.17 -18.08
N ARG A 180 -12.89 17.68 -19.06
CA ARG A 180 -13.51 17.23 -20.31
C ARG A 180 -13.13 15.81 -20.72
N ASN A 181 -13.86 15.26 -21.69
CA ASN A 181 -13.59 13.94 -22.26
C ASN A 181 -12.20 13.85 -22.88
N ILE A 182 -11.63 12.65 -22.88
CA ILE A 182 -10.37 12.37 -23.55
C ILE A 182 -10.57 11.26 -24.60
N ASP A 183 -9.99 11.45 -25.79
CA ASP A 183 -10.20 10.55 -26.91
C ASP A 183 -9.05 9.56 -26.93
N PHE A 184 -9.30 8.37 -26.37
CA PHE A 184 -8.28 7.33 -26.29
C PHE A 184 -7.89 6.76 -27.65
N ALA A 185 -8.82 6.80 -28.60
CA ALA A 185 -8.50 6.24 -29.93
C ALA A 185 -7.45 7.09 -30.62
N LYS A 186 -7.53 8.40 -30.41
CA LYS A 186 -6.57 9.36 -30.95
C LYS A 186 -5.20 9.07 -30.37
N PHE A 187 -5.15 8.89 -29.05
CA PHE A 187 -3.91 8.59 -28.36
C PHE A 187 -3.24 7.36 -28.94
N ARG A 188 -4.02 6.30 -29.20
CA ARG A 188 -3.47 5.07 -29.76
C ARG A 188 -2.98 5.27 -31.20
N GLU A 189 -3.72 6.03 -32.01
CA GLU A 189 -3.25 6.34 -33.35
C GLU A 189 -1.87 7.00 -33.28
N ILE A 190 -1.69 7.90 -32.33
CA ILE A 190 -0.44 8.62 -32.17
C ILE A 190 0.73 7.71 -31.74
N VAL A 191 0.52 6.83 -30.76
CA VAL A 191 1.61 5.95 -30.34
C VAL A 191 1.96 4.96 -31.45
N ASP A 192 0.97 4.52 -32.22
CA ASP A 192 1.24 3.62 -33.32
C ASP A 192 2.14 4.30 -34.34
N LYS A 193 1.96 5.61 -34.51
CA LYS A 193 2.75 6.38 -35.47
C LYS A 193 4.23 6.33 -35.09
N VAL A 194 4.53 6.43 -33.80
CA VAL A 194 5.90 6.53 -33.33
C VAL A 194 6.44 5.29 -32.64
N GLY A 195 5.65 4.22 -32.64
CA GLY A 195 6.08 2.95 -32.08
C GLY A 195 6.19 2.93 -30.57
N ALA A 196 5.33 3.70 -29.91
CA ALA A 196 5.35 3.81 -28.44
C ALA A 196 4.33 2.89 -27.80
N TYR A 197 4.47 2.67 -26.50
CA TYR A 197 3.39 2.08 -25.70
C TYR A 197 2.44 3.20 -25.26
N PHE A 198 1.19 2.83 -25.00
CA PHE A 198 0.18 3.79 -24.54
C PHE A 198 -0.36 3.33 -23.20
N MET A 199 -0.20 4.16 -22.18
CA MET A 199 -0.82 3.90 -20.87
C MET A 199 -1.94 4.92 -20.62
N ALA A 200 -3.13 4.43 -20.28
CA ALA A 200 -4.24 5.31 -19.90
C ALA A 200 -4.43 5.26 -18.39
N ASP A 201 -4.23 6.38 -17.72
CA ASP A 201 -4.36 6.42 -16.28
C ASP A 201 -5.69 7.05 -16.00
N ILE A 202 -6.68 6.21 -15.66
CA ILE A 202 -8.06 6.69 -15.55
C ILE A 202 -8.53 6.86 -14.11
N ALA A 203 -7.59 7.01 -13.17
CA ALA A 203 -7.93 7.07 -11.76
C ALA A 203 -9.12 7.98 -11.45
N HIS A 204 -9.11 9.20 -11.96
CA HIS A 204 -10.21 10.11 -11.64
C HIS A 204 -11.53 9.72 -12.30
N ILE A 205 -11.47 9.35 -13.57
CA ILE A 205 -12.68 9.05 -14.34
C ILE A 205 -13.03 7.57 -14.43
N ALA A 206 -12.45 6.74 -13.58
CA ALA A 206 -12.67 5.31 -13.70
C ALA A 206 -14.13 4.94 -13.54
N GLY A 207 -14.87 5.69 -12.73
CA GLY A 207 -16.29 5.43 -12.54
C GLY A 207 -17.08 5.72 -13.80
N LEU A 208 -16.68 6.76 -14.53
CA LEU A 208 -17.32 7.07 -15.79
C LEU A 208 -17.03 5.99 -16.81
N VAL A 209 -15.79 5.47 -16.81
CA VAL A 209 -15.44 4.42 -17.77
C VAL A 209 -16.22 3.15 -17.47
N ALA A 210 -16.31 2.80 -16.19
CA ALA A 210 -16.99 1.59 -15.76
C ALA A 210 -18.47 1.57 -16.13
N THR A 211 -19.07 2.75 -16.28
CA THR A 211 -20.51 2.84 -16.51
C THR A 211 -20.84 3.38 -17.90
N GLY A 212 -19.83 3.46 -18.76
CA GLY A 212 -20.05 3.86 -20.14
C GLY A 212 -20.31 5.35 -20.32
N GLU A 213 -20.03 6.12 -19.27
CA GLU A 213 -20.23 7.56 -19.30
C GLU A 213 -18.98 8.27 -19.82
N HIS A 214 -17.94 7.49 -20.08
CA HIS A 214 -16.77 7.95 -20.80
C HIS A 214 -16.23 6.80 -21.64
N GLN A 215 -15.65 7.13 -22.80
CA GLN A 215 -15.02 6.14 -23.67
C GLN A 215 -14.04 5.26 -22.90
N SER A 216 -14.09 3.95 -23.13
CA SER A 216 -13.13 3.06 -22.47
C SER A 216 -11.79 3.09 -23.18
N PRO A 217 -10.71 3.05 -22.38
CA PRO A 217 -9.37 2.94 -22.96
C PRO A 217 -9.00 1.47 -23.18
N ILE A 218 -9.82 0.55 -22.71
CA ILE A 218 -9.50 -0.87 -22.88
C ILE A 218 -9.18 -1.31 -24.33
N PRO A 219 -9.95 -0.83 -25.32
CA PRO A 219 -9.66 -1.23 -26.70
C PRO A 219 -8.40 -0.56 -27.30
N TYR A 220 -7.81 0.39 -26.57
CA TYR A 220 -6.79 1.29 -27.14
C TYR A 220 -5.44 1.28 -26.45
N ALA A 221 -5.44 1.12 -25.13
CA ALA A 221 -4.21 1.23 -24.33
C ALA A 221 -3.56 -0.13 -24.13
N HIS A 222 -2.23 -0.16 -24.09
CA HIS A 222 -1.52 -1.37 -23.70
C HIS A 222 -1.76 -1.69 -22.24
N ALA A 223 -1.80 -0.64 -21.41
CA ALA A 223 -2.06 -0.77 -19.98
C ALA A 223 -2.97 0.34 -19.52
N VAL A 224 -3.92 -0.01 -18.65
CA VAL A 224 -4.84 0.95 -18.07
C VAL A 224 -4.65 0.91 -16.56
N THR A 225 -4.36 2.05 -15.97
CA THR A 225 -4.20 2.09 -14.54
C THR A 225 -5.27 2.90 -13.86
N SER A 226 -5.46 2.65 -12.58
CA SER A 226 -6.43 3.41 -11.80
C SER A 226 -6.20 3.21 -10.33
N THR A 227 -6.78 4.14 -9.56
CA THR A 227 -7.05 3.91 -8.16
C THR A 227 -8.39 3.18 -8.05
N THR A 228 -8.62 2.50 -6.94
CA THR A 228 -9.92 1.86 -6.69
C THR A 228 -10.84 2.79 -5.91
N HIS A 229 -10.24 3.79 -5.28
CA HIS A 229 -10.99 4.86 -4.63
C HIS A 229 -11.17 5.94 -5.67
N1 LLP A 230 -2.88 8.91 -11.10
C2 LLP A 230 -3.96 9.73 -11.17
C2' LLP A 230 -4.41 10.25 -12.51
C3 LLP A 230 -4.68 10.09 -9.93
O3 LLP A 230 -5.77 10.92 -9.92
C4 LLP A 230 -4.17 9.54 -8.66
C4' LLP A 230 -4.87 9.87 -7.37
C5 LLP A 230 -2.98 8.64 -8.73
C6 LLP A 230 -2.40 8.40 -9.96
C5' LLP A 230 -2.30 8.03 -7.52
OP4 LLP A 230 -3.14 7.39 -6.59
P LLP A 230 -2.61 7.19 -5.09
OP1 LLP A 230 -2.85 8.55 -4.46
OP2 LLP A 230 -1.14 6.85 -5.13
OP3 LLP A 230 -3.49 6.06 -4.57
N LLP A 230 -11.68 7.10 -5.27
CA LLP A 230 -12.06 8.20 -6.17
CB LLP A 230 -11.00 8.62 -7.21
CG LLP A 230 -9.70 9.07 -6.53
CD LLP A 230 -8.65 9.57 -7.53
CE LLP A 230 -7.31 9.72 -6.83
NZ LLP A 230 -6.25 10.14 -7.73
C LLP A 230 -13.43 7.90 -6.74
O LLP A 230 -14.35 7.62 -5.95
N THR A 231 -13.64 7.99 -8.05
CA THR A 231 -15.01 7.86 -8.52
C THR A 231 -15.53 6.44 -8.43
N LEU A 232 -14.63 5.46 -8.49
CA LEU A 232 -15.00 4.06 -8.32
C LEU A 232 -15.50 3.74 -6.91
N ARG A 233 -15.19 4.63 -5.96
CA ARG A 233 -15.77 4.55 -4.61
C ARG A 233 -15.38 3.25 -3.88
N GLY A 234 -14.18 2.77 -4.14
CA GLY A 234 -13.72 1.58 -3.47
C GLY A 234 -12.73 1.89 -2.37
N PRO A 235 -12.16 0.84 -1.78
CA PRO A 235 -11.14 1.02 -0.75
C PRO A 235 -9.94 1.69 -1.39
N ARG A 236 -9.06 2.26 -0.57
CA ARG A 236 -7.89 2.97 -1.07
C ARG A 236 -6.85 1.98 -1.58
N GLY A 237 -6.55 2.04 -2.87
CA GLY A 237 -5.63 1.11 -3.49
C GLY A 237 -5.54 1.33 -4.99
N GLY A 238 -4.86 0.42 -5.68
CA GLY A 238 -4.63 0.58 -7.12
C GLY A 238 -5.09 -0.59 -7.96
N LEU A 239 -4.97 -0.44 -9.27
CA LEU A 239 -5.57 -1.37 -10.21
C LEU A 239 -4.91 -1.20 -11.57
N ILE A 240 -4.66 -2.33 -12.23
CA ILE A 240 -4.18 -2.33 -13.61
C ILE A 240 -5.05 -3.25 -14.44
N LEU A 241 -5.39 -2.81 -15.65
CA LEU A 241 -6.20 -3.60 -16.58
C LEU A 241 -5.59 -3.59 -17.97
N SER A 242 -5.91 -4.60 -18.77
CA SER A 242 -5.53 -4.56 -20.17
C SER A 242 -6.33 -5.53 -20.98
N ASN A 243 -6.38 -5.33 -22.30
CA ASN A 243 -6.94 -6.34 -23.19
C ASN A 243 -5.83 -7.13 -23.86
N ASP A 244 -4.58 -6.80 -23.55
CA ASP A 244 -3.40 -7.42 -24.14
C ASP A 244 -2.81 -8.43 -23.16
N GLU A 245 -3.04 -9.71 -23.44
CA GLU A 245 -2.61 -10.78 -22.54
C GLU A 245 -1.10 -10.85 -22.42
N GLU A 246 -0.40 -10.50 -23.49
CA GLU A 246 1.06 -10.50 -23.48
C GLU A 246 1.60 -9.43 -22.53
N ILE A 247 1.11 -8.21 -22.71
CA ILE A 247 1.43 -7.13 -21.78
C ILE A 247 1.02 -7.51 -20.36
N GLY A 248 -0.12 -8.19 -20.23
CA GLY A 248 -0.61 -8.64 -18.94
C GLY A 248 0.40 -9.48 -18.17
N HIS A 249 1.08 -10.38 -18.87
CA HIS A 249 2.06 -11.26 -18.22
C HIS A 249 3.22 -10.43 -17.69
N LYS A 250 3.66 -9.46 -18.48
CA LYS A 250 4.72 -8.55 -18.08
C LYS A 250 4.32 -7.69 -16.90
N ILE A 251 3.08 -7.21 -16.89
CA ILE A 251 2.58 -6.41 -15.76
CA ILE A 251 2.62 -6.39 -15.76
C ILE A 251 2.56 -7.24 -14.49
N ASN A 252 2.12 -8.48 -14.62
CA ASN A 252 2.02 -9.35 -13.46
C ASN A 252 3.38 -9.54 -12.79
N SER A 253 4.40 -9.78 -13.62
CA SER A 253 5.77 -9.95 -13.12
C SER A 253 6.37 -8.65 -12.61
N ALA A 254 5.98 -7.53 -13.24
CA ALA A 254 6.46 -6.22 -12.77
C ALA A 254 5.87 -5.86 -11.42
N LEU A 255 4.60 -6.16 -11.19
CA LEU A 255 4.00 -5.84 -9.89
C LEU A 255 4.66 -6.70 -8.80
N PHE A 256 4.67 -8.01 -9.01
CA PHE A 256 5.41 -8.90 -8.14
C PHE A 256 6.05 -9.96 -9.01
N PRO A 257 7.36 -10.20 -8.85
CA PRO A 257 8.21 -9.69 -7.77
C PRO A 257 8.92 -8.39 -8.10
N GLY A 258 8.48 -7.68 -9.12
CA GLY A 258 9.20 -6.48 -9.51
C GLY A 258 9.14 -5.32 -8.51
N LEU A 259 7.95 -5.03 -7.98
CA LEU A 259 7.73 -3.78 -7.24
C LEU A 259 7.21 -3.95 -5.82
N GLN A 260 6.27 -4.86 -5.64
CA GLN A 260 5.69 -5.07 -4.31
C GLN A 260 6.13 -6.38 -3.71
N GLY A 261 5.74 -6.60 -2.46
CA GLY A 261 5.96 -7.88 -1.81
C GLY A 261 4.61 -8.48 -1.52
N GLY A 262 4.32 -8.68 -0.25
CA GLY A 262 3.02 -9.17 0.14
C GLY A 262 1.87 -8.24 -0.21
N PRO A 263 0.82 -8.78 -0.84
CA PRO A 263 -0.33 -7.92 -1.14
C PRO A 263 -1.21 -7.71 0.07
N LEU A 264 -2.06 -6.68 0.04
CA LEU A 264 -2.95 -6.44 1.17
C LEU A 264 -4.24 -7.21 0.94
N MET A 265 -4.32 -8.44 1.44
CA MET A 265 -5.45 -9.29 1.08
C MET A 265 -6.78 -8.77 1.60
N HIS A 266 -6.77 -8.13 2.77
CA HIS A 266 -8.00 -7.51 3.29
C HIS A 266 -8.50 -6.39 2.38
N ILE A 267 -7.57 -5.60 1.83
CA ILE A 267 -7.96 -4.55 0.89
C ILE A 267 -8.47 -5.15 -0.42
N ILE A 268 -7.82 -6.22 -0.87
CA ILE A 268 -8.26 -6.91 -2.08
C ILE A 268 -9.68 -7.49 -1.91
N ALA A 269 -9.96 -8.03 -0.74
CA ALA A 269 -11.33 -8.45 -0.45
C ALA A 269 -12.27 -7.25 -0.51
N ALA A 270 -11.83 -6.12 0.00
CA ALA A 270 -12.64 -4.90 -0.01
C ALA A 270 -12.84 -4.41 -1.44
N LYS A 271 -11.80 -4.54 -2.27
CA LYS A 271 -11.90 -4.20 -3.68
C LYS A 271 -12.98 -5.05 -4.34
N ALA A 272 -13.04 -6.33 -3.99
CA ALA A 272 -14.05 -7.20 -4.58
C ALA A 272 -15.46 -6.73 -4.20
N VAL A 273 -15.64 -6.36 -2.94
CA VAL A 273 -16.92 -5.84 -2.46
C VAL A 273 -17.33 -4.59 -3.23
N ALA A 274 -16.38 -3.68 -3.38
CA ALA A 274 -16.63 -2.43 -4.09
C ALA A 274 -16.91 -2.65 -5.58
N PHE A 275 -16.21 -3.60 -6.22
CA PHE A 275 -16.48 -3.91 -7.63
C PHE A 275 -17.89 -4.45 -7.80
N LEU A 276 -18.37 -5.25 -6.86
CA LEU A 276 -19.75 -5.73 -6.97
C LEU A 276 -20.73 -4.57 -6.85
N GLU A 277 -20.44 -3.61 -5.98
CA GLU A 277 -21.29 -2.42 -5.88
C GLU A 277 -21.28 -1.68 -7.20
N ASN A 278 -20.10 -1.62 -7.82
CA ASN A 278 -19.94 -0.95 -9.12
C ASN A 278 -20.77 -1.60 -10.23
N LEU A 279 -21.02 -2.90 -10.08
CA LEU A 279 -21.75 -3.64 -11.11
C LEU A 279 -23.27 -3.49 -10.99
N GLN A 280 -23.72 -2.90 -9.89
CA GLN A 280 -25.15 -2.68 -9.70
C GLN A 280 -25.65 -1.59 -10.64
N PRO A 281 -26.91 -1.73 -11.11
CA PRO A 281 -27.52 -0.74 -12.00
C PRO A 281 -27.47 0.66 -11.40
N GLU A 282 -27.68 0.76 -10.09
CA GLU A 282 -27.67 2.05 -9.41
C GLU A 282 -26.35 2.80 -9.51
N TYR A 283 -25.24 2.09 -9.72
CA TYR A 283 -23.95 2.76 -9.82
C TYR A 283 -23.90 3.61 -11.10
N LYS A 284 -24.54 3.12 -12.14
CA LYS A 284 -24.62 3.89 -13.37
C LYS A 284 -25.43 5.16 -13.14
N SER A 285 -26.53 5.02 -12.40
CA SER A 285 -27.36 6.16 -12.04
C SER A 285 -26.56 7.13 -11.19
N TYR A 286 -25.74 6.58 -10.30
CA TYR A 286 -24.89 7.40 -9.46
C TYR A 286 -23.90 8.25 -10.27
N ILE A 287 -23.21 7.64 -11.22
CA ILE A 287 -22.25 8.38 -12.03
C ILE A 287 -22.97 9.46 -12.88
N GLN A 288 -24.15 9.14 -13.41
CA GLN A 288 -24.89 10.13 -14.20
C GLN A 288 -25.28 11.34 -13.35
N GLN A 289 -25.66 11.07 -12.10
CA GLN A 289 -25.96 12.12 -11.13
C GLN A 289 -24.71 12.92 -10.77
N VAL A 290 -23.58 12.24 -10.63
CA VAL A 290 -22.32 12.93 -10.37
C VAL A 290 -22.07 14.00 -11.45
N ILE A 291 -22.23 13.61 -12.71
CA ILE A 291 -21.98 14.52 -13.81
C ILE A 291 -23.00 15.66 -13.88
N SER A 292 -24.29 15.33 -13.75
CA SER A 292 -25.34 16.34 -13.79
CA SER A 292 -25.33 16.35 -13.81
C SER A 292 -25.19 17.35 -12.65
N ASN A 293 -24.80 16.85 -11.48
CA ASN A 293 -24.51 17.71 -10.33
C ASN A 293 -23.35 18.66 -10.59
N ALA A 294 -22.32 18.16 -11.26
CA ALA A 294 -21.17 19.00 -11.61
C ALA A 294 -21.55 20.10 -12.59
N LYS A 295 -22.36 19.76 -13.59
CA LYS A 295 -22.85 20.76 -14.53
C LYS A 295 -23.71 21.80 -13.83
N ALA A 296 -24.53 21.37 -12.90
CA ALA A 296 -25.37 22.27 -12.11
C ALA A 296 -24.54 23.22 -11.25
N LEU A 297 -23.48 22.67 -10.67
CA LEU A 297 -22.56 23.46 -9.84
C LEU A 297 -21.86 24.54 -10.66
N ALA A 298 -21.34 24.15 -11.82
CA ALA A 298 -20.66 25.11 -12.70
C ALA A 298 -21.61 26.22 -13.14
N SER A 299 -22.84 25.85 -13.48
CA SER A 299 -23.81 26.80 -13.99
C SER A 299 -24.28 27.78 -12.91
N SER A 300 -24.44 27.28 -11.69
CA SER A 300 -24.82 28.15 -10.58
C SER A 300 -23.74 29.20 -10.34
N LEU A 301 -22.49 28.78 -10.36
CA LEU A 301 -21.37 29.71 -10.17
C LEU A 301 -21.33 30.74 -11.30
N GLN A 302 -21.57 30.30 -12.52
CA GLN A 302 -21.63 31.20 -13.66
C GLN A 302 -22.73 32.25 -13.53
N GLU A 303 -23.87 31.83 -13.01
CA GLU A 303 -24.97 32.74 -12.73
C GLU A 303 -24.46 33.87 -11.84
N ARG A 304 -23.67 33.50 -10.84
CA ARG A 304 -23.15 34.44 -9.87
C ARG A 304 -21.93 35.19 -10.40
N GLY A 305 -21.66 35.00 -11.69
CA GLY A 305 -20.65 35.78 -12.39
C GLY A 305 -19.25 35.22 -12.35
N TYR A 306 -19.09 34.01 -11.84
CA TYR A 306 -17.75 33.44 -11.75
C TYR A 306 -17.43 32.66 -13.03
N ASP A 307 -16.15 32.50 -13.33
CA ASP A 307 -15.72 31.90 -14.59
C ASP A 307 -15.31 30.45 -14.41
N ILE A 308 -15.78 29.59 -15.32
CA ILE A 308 -15.47 28.17 -15.26
C ILE A 308 -14.53 27.81 -16.41
N LEU A 309 -13.40 27.16 -16.09
CA LEU A 309 -12.44 26.78 -17.12
C LEU A 309 -13.05 25.79 -18.11
N THR A 310 -12.93 26.11 -19.40
CA THR A 310 -13.55 25.40 -20.53
C THR A 310 -15.05 25.65 -20.65
N GLY A 311 -15.59 26.53 -19.81
CA GLY A 311 -17.00 26.88 -19.86
C GLY A 311 -17.95 25.88 -19.22
N GLY A 312 -17.41 24.82 -18.63
CA GLY A 312 -18.25 23.79 -18.04
C GLY A 312 -17.47 22.51 -17.76
N THR A 313 -18.16 21.38 -17.78
CA THR A 313 -17.51 20.09 -17.53
C THR A 313 -18.27 18.93 -18.15
N ASP A 314 -17.53 17.85 -18.47
CA ASP A 314 -18.13 16.60 -18.93
C ASP A 314 -18.04 15.56 -17.83
N ASN A 315 -17.43 15.90 -16.69
CA ASN A 315 -17.23 14.89 -15.64
C ASN A 315 -17.65 15.34 -14.24
N HIS A 316 -16.90 14.88 -13.24
CA HIS A 316 -17.18 15.17 -11.83
C HIS A 316 -16.48 16.43 -11.34
N ILE A 317 -15.66 17.03 -12.20
CA ILE A 317 -14.78 18.13 -11.79
C ILE A 317 -15.27 19.49 -12.30
N VAL A 318 -15.24 20.50 -11.41
CA VAL A 318 -15.51 21.87 -11.83
C VAL A 318 -14.29 22.71 -11.50
N LEU A 319 -13.74 23.38 -12.53
CA LEU A 319 -12.57 24.21 -12.35
C LEU A 319 -12.98 25.68 -12.41
N VAL A 320 -12.78 26.39 -11.30
CA VAL A 320 -13.13 27.81 -11.26
C VAL A 320 -11.91 28.68 -11.59
N ASP A 321 -12.05 29.52 -12.61
CA ASP A 321 -10.98 30.44 -13.02
C ASP A 321 -11.18 31.80 -12.33
N LEU A 322 -10.41 32.04 -11.27
CA LEU A 322 -10.57 33.24 -10.44
C LEU A 322 -9.80 34.48 -10.88
N ARG A 323 -9.14 34.42 -12.05
CA ARG A 323 -8.24 35.50 -12.44
C ARG A 323 -8.91 36.86 -12.57
N LYS A 324 -10.10 36.89 -13.17
CA LYS A 324 -10.80 38.15 -13.36
C LYS A 324 -11.27 38.74 -12.03
N ASP A 325 -11.28 37.93 -10.98
CA ASP A 325 -11.82 38.37 -9.68
C ASP A 325 -10.76 38.79 -8.67
N GLY A 326 -9.49 38.58 -9.00
CA GLY A 326 -8.40 38.99 -8.13
C GLY A 326 -8.33 38.22 -6.82
N ILE A 327 -8.92 37.02 -6.82
CA ILE A 327 -8.89 36.13 -5.66
C ILE A 327 -7.92 34.99 -5.96
N THR A 328 -6.96 34.73 -5.07
CA THR A 328 -6.09 33.58 -5.25
C THR A 328 -6.81 32.29 -4.88
N GLY A 329 -6.39 31.18 -5.47
CA GLY A 329 -6.98 29.89 -5.14
C GLY A 329 -6.68 29.51 -3.70
N LYS A 330 -5.50 29.91 -3.21
CA LYS A 330 -5.13 29.62 -1.83
C LYS A 330 -6.08 30.31 -0.84
N LEU A 331 -6.32 31.60 -1.04
CA LEU A 331 -7.23 32.32 -0.16
C LEU A 331 -8.64 31.74 -0.28
N ALA A 332 -9.03 31.38 -1.50
CA ALA A 332 -10.38 30.87 -1.72
C ALA A 332 -10.59 29.53 -0.99
N ALA A 333 -9.72 28.58 -1.28
CA ALA A 333 -9.83 27.26 -0.66
C ALA A 333 -9.78 27.35 0.87
N ASN A 334 -8.91 28.21 1.38
CA ASN A 334 -8.79 28.34 2.83
C ASN A 334 -9.99 29.01 3.46
N SER A 335 -10.56 30.02 2.80
CA SER A 335 -11.76 30.65 3.35
C SER A 335 -12.93 29.67 3.30
N LEU A 336 -13.02 28.92 2.21
CA LEU A 336 -14.10 27.95 2.07
C LEU A 336 -14.00 26.87 3.14
N ASP A 337 -12.79 26.43 3.43
CA ASP A 337 -12.55 25.43 4.47
C ASP A 337 -13.10 25.88 5.82
N ARG A 338 -12.87 27.15 6.17
CA ARG A 338 -13.34 27.63 7.46
C ARG A 338 -14.86 27.74 7.44
N ALA A 339 -15.43 27.79 6.23
CA ALA A 339 -16.89 27.89 6.10
C ALA A 339 -17.55 26.52 5.98
N GLY A 340 -16.76 25.46 6.11
CA GLY A 340 -17.30 24.11 6.14
C GLY A 340 -17.31 23.44 4.77
N ILE A 341 -16.59 24.04 3.83
CA ILE A 341 -16.59 23.54 2.46
C ILE A 341 -15.14 23.23 2.07
N THR A 342 -14.85 21.96 1.84
CA THR A 342 -13.50 21.50 1.56
CA THR A 342 -13.47 21.59 1.54
C THR A 342 -13.26 21.37 0.06
N CYS A 343 -12.19 22.00 -0.46
CA CYS A 343 -11.83 21.88 -1.88
C CYS A 343 -10.34 22.17 -2.05
N ASN A 344 -9.84 22.19 -3.29
CA ASN A 344 -8.41 22.42 -3.54
C ASN A 344 -8.15 23.69 -4.32
N LYS A 345 -7.03 24.34 -4.04
CA LYS A 345 -6.54 25.36 -4.97
C LYS A 345 -6.15 24.63 -6.26
N ASN A 346 -6.23 25.32 -7.40
CA ASN A 346 -5.91 24.67 -8.67
C ASN A 346 -5.20 25.61 -9.63
N ALA A 347 -4.01 25.22 -10.09
CA ALA A 347 -3.24 26.05 -11.02
C ALA A 347 -3.96 26.18 -12.36
N ILE A 348 -4.09 27.42 -12.86
CA ILE A 348 -4.67 27.67 -14.17
C ILE A 348 -3.54 27.51 -15.17
N PRO A 349 -3.75 26.69 -16.22
CA PRO A 349 -2.68 26.45 -17.18
C PRO A 349 -2.11 27.75 -17.76
N PHE A 350 -0.79 27.84 -17.80
CA PHE A 350 -0.04 28.96 -18.40
C PHE A 350 -0.01 30.25 -17.56
N ASP A 351 -0.70 30.22 -16.42
CA ASP A 351 -0.69 31.34 -15.48
C ASP A 351 0.71 31.49 -14.90
N GLU A 352 1.19 32.73 -14.81
CA GLU A 352 2.53 32.99 -14.26
C GLU A 352 2.57 32.97 -12.74
N THR A 353 1.39 33.01 -12.12
CA THR A 353 1.27 32.91 -10.66
C THR A 353 1.89 31.62 -10.15
N SER A 354 2.59 31.68 -9.01
CA SER A 354 3.17 30.48 -8.43
C SER A 354 2.09 29.42 -8.20
N PRO A 355 2.41 28.14 -8.49
CA PRO A 355 1.45 27.08 -8.20
C PRO A 355 1.20 26.92 -6.71
N PHE A 356 2.01 27.56 -5.87
CA PHE A 356 1.73 27.58 -4.44
C PHE A 356 0.54 28.47 -4.13
N ILE A 357 0.33 29.48 -4.97
CA ILE A 357 -0.72 30.45 -4.78
C ILE A 357 -1.95 30.07 -5.63
N THR A 358 -1.72 29.97 -6.93
CA THR A 358 -2.74 29.69 -7.96
C THR A 358 -3.79 30.78 -8.14
N SER A 359 -4.53 30.68 -9.24
CA SER A 359 -5.63 31.59 -9.52
C SER A 359 -6.89 30.80 -9.82
N GLY A 360 -7.02 29.63 -9.20
CA GLY A 360 -8.20 28.81 -9.42
C GLY A 360 -8.53 27.90 -8.24
N ILE A 361 -9.70 27.29 -8.29
CA ILE A 361 -10.04 26.22 -7.35
C ILE A 361 -10.65 25.05 -8.11
N ARG A 362 -10.57 23.86 -7.51
CA ARG A 362 -11.09 22.64 -8.10
C ARG A 362 -12.14 22.04 -7.17
N LEU A 363 -13.34 21.86 -7.71
CA LEU A 363 -14.46 21.30 -6.94
C LEU A 363 -14.85 19.98 -7.58
N GLY A 364 -15.36 19.04 -6.79
CA GLY A 364 -15.81 17.76 -7.32
C GLY A 364 -17.09 17.31 -6.63
N THR A 365 -17.94 16.63 -7.39
CA THR A 365 -19.22 16.16 -6.86
C THR A 365 -19.35 14.75 -6.27
N PRO A 366 -18.33 13.86 -6.41
CA PRO A 366 -18.65 12.49 -6.00
C PRO A 366 -19.03 12.26 -4.54
N ALA A 367 -18.34 12.92 -3.61
CA ALA A 367 -18.60 12.68 -2.19
C ALA A 367 -20.01 13.09 -1.78
N CYS A 368 -20.44 14.30 -2.14
CA CYS A 368 -21.77 14.74 -1.75
C CYS A 368 -22.86 14.02 -2.54
N THR A 369 -22.57 13.66 -3.79
CA THR A 369 -23.53 12.92 -4.59
C THR A 369 -23.74 11.55 -3.95
N THR A 370 -22.68 11.00 -3.35
CA THR A 370 -22.80 9.74 -2.64
C THR A 370 -23.73 9.90 -1.44
N ARG A 371 -23.75 11.09 -0.85
CA ARG A 371 -24.66 11.32 0.27
C ARG A 371 -26.09 11.65 -0.16
N GLY A 372 -26.34 11.66 -1.47
CA GLY A 372 -27.70 11.87 -1.96
C GLY A 372 -27.99 13.26 -2.50
N PHE A 373 -26.96 14.07 -2.67
CA PHE A 373 -27.15 15.40 -3.26
C PHE A 373 -27.69 15.28 -4.67
N LYS A 374 -28.62 16.16 -5.03
CA LYS A 374 -29.16 16.25 -6.38
C LYS A 374 -28.78 17.60 -6.95
N GLU A 375 -29.27 17.90 -8.15
CA GLU A 375 -28.88 19.15 -8.82
C GLU A 375 -29.20 20.39 -8.00
N LYS A 376 -30.41 20.45 -7.46
CA LYS A 376 -30.85 21.63 -6.72
C LYS A 376 -29.95 21.89 -5.50
N ASP A 377 -29.40 20.81 -4.96
CA ASP A 377 -28.55 20.88 -3.79
C ASP A 377 -27.17 21.43 -4.18
N PHE A 378 -26.67 21.01 -5.34
CA PHE A 378 -25.39 21.57 -5.79
C PHE A 378 -25.55 23.02 -6.27
N VAL A 379 -26.77 23.38 -6.69
CA VAL A 379 -27.05 24.79 -6.95
C VAL A 379 -26.88 25.60 -5.66
N LEU A 380 -27.45 25.09 -4.56
CA LEU A 380 -27.29 25.74 -3.25
C LEU A 380 -25.82 25.86 -2.88
N VAL A 381 -25.07 24.77 -3.04
CA VAL A 381 -23.63 24.77 -2.79
C VAL A 381 -22.92 25.84 -3.61
N GLY A 382 -23.25 25.91 -4.90
CA GLY A 382 -22.68 26.91 -5.77
C GLY A 382 -22.89 28.31 -5.25
N HIS A 383 -24.07 28.58 -4.70
CA HIS A 383 -24.34 29.90 -4.16
C HIS A 383 -23.58 30.17 -2.85
N MET A 384 -23.35 29.11 -2.09
CA MET A 384 -22.57 29.22 -0.86
C MET A 384 -21.11 29.54 -1.20
N VAL A 385 -20.58 28.83 -2.19
CA VAL A 385 -19.22 29.08 -2.65
C VAL A 385 -19.09 30.51 -3.16
N ALA A 386 -20.01 30.92 -4.00
CA ALA A 386 -20.04 32.28 -4.54
C ALA A 386 -20.15 33.34 -3.45
N ASP A 387 -20.86 33.03 -2.37
CA ASP A 387 -21.00 33.95 -1.26
C ASP A 387 -19.63 34.21 -0.63
N ILE A 388 -18.87 33.15 -0.42
CA ILE A 388 -17.53 33.27 0.15
C ILE A 388 -16.61 34.04 -0.78
N LEU A 389 -16.60 33.68 -2.06
CA LEU A 389 -15.78 34.40 -3.05
C LEU A 389 -16.14 35.87 -3.16
N ASP A 390 -17.44 36.18 -3.16
CA ASP A 390 -17.89 37.58 -3.11
C ASP A 390 -17.25 38.27 -1.91
N GLY A 391 -17.25 37.59 -0.77
CA GLY A 391 -16.70 38.13 0.45
C GLY A 391 -15.21 38.45 0.33
N LEU A 392 -14.48 37.56 -0.33
CA LEU A 392 -13.03 37.75 -0.49
C LEU A 392 -12.71 38.95 -1.39
N LYS A 393 -13.66 39.31 -2.26
CA LYS A 393 -13.47 40.46 -3.12
C LYS A 393 -13.78 41.74 -2.36
N ASN A 394 -14.75 41.67 -1.45
CA ASN A 394 -15.30 42.87 -0.83
C ASN A 394 -15.01 43.05 0.66
N ASN A 395 -14.32 42.09 1.27
CA ASN A 395 -14.03 42.16 2.71
C ASN A 395 -12.54 42.14 3.07
N GLU A 396 -12.17 42.96 4.04
CA GLU A 396 -10.84 42.90 4.62
C GLU A 396 -10.69 41.59 5.38
N ASP A 397 -11.81 41.10 5.90
CA ASP A 397 -11.84 39.95 6.81
C ASP A 397 -13.10 39.16 6.51
N ASN A 398 -12.94 37.88 6.16
CA ASN A 398 -14.08 37.05 5.77
C ASN A 398 -14.63 36.18 6.91
N SER A 399 -14.21 36.44 8.14
CA SER A 399 -14.58 35.59 9.27
CA SER A 399 -14.58 35.57 9.26
C SER A 399 -16.08 35.52 9.49
N ALA A 400 -16.72 36.68 9.58
CA ALA A 400 -18.15 36.76 9.84
C ALA A 400 -18.96 36.03 8.76
N LEU A 401 -18.54 36.18 7.50
CA LEU A 401 -19.22 35.53 6.39
C LEU A 401 -18.98 34.03 6.40
N GLU A 402 -17.77 33.63 6.80
CA GLU A 402 -17.44 32.21 6.92
C GLU A 402 -18.36 31.53 7.92
N GLN A 403 -18.68 32.23 9.01
CA GLN A 403 -19.55 31.65 10.04
C GLN A 403 -21.00 31.60 9.56
N GLN A 404 -21.42 32.64 8.85
CA GLN A 404 -22.74 32.69 8.24
C GLN A 404 -22.94 31.49 7.31
N VAL A 405 -21.94 31.22 6.48
CA VAL A 405 -22.04 30.13 5.51
C VAL A 405 -21.96 28.77 6.21
N LEU A 406 -21.05 28.65 7.18
CA LEU A 406 -20.93 27.42 7.95
C LEU A 406 -22.27 27.02 8.61
N ASN A 407 -23.00 28.01 9.11
CA ASN A 407 -24.34 27.74 9.62
C ASN A 407 -25.25 27.14 8.54
N GLU A 408 -25.19 27.68 7.33
CA GLU A 408 -26.01 27.17 6.24
C GLU A 408 -25.54 25.82 5.72
N VAL A 409 -24.22 25.61 5.72
CA VAL A 409 -23.65 24.33 5.36
C VAL A 409 -24.12 23.26 6.33
N THR A 410 -24.08 23.59 7.62
CA THR A 410 -24.51 22.70 8.70
C THR A 410 -25.96 22.28 8.53
N LYS A 411 -26.82 23.25 8.26
CA LYS A 411 -28.25 22.97 8.08
C LYS A 411 -28.53 22.07 6.87
N LEU A 412 -27.74 22.24 5.81
CA LEU A 412 -27.98 21.47 4.58
C LEU A 412 -27.45 20.05 4.70
N ILE A 413 -26.24 19.90 5.24
CA ILE A 413 -25.61 18.57 5.24
C ILE A 413 -26.30 17.60 6.20
N GLU A 414 -26.92 18.13 7.24
CA GLU A 414 -27.64 17.30 8.21
C GLU A 414 -28.86 16.62 7.60
N LEU A 415 -29.27 17.07 6.42
CA LEU A 415 -30.48 16.55 5.76
C LEU A 415 -30.22 15.30 4.94
N PHE A 416 -28.96 14.90 4.89
CA PHE A 416 -28.56 13.80 4.01
C PHE A 416 -27.96 12.64 4.81
N PRO A 417 -28.19 11.41 4.33
CA PRO A 417 -27.71 10.21 5.01
C PRO A 417 -26.21 10.12 5.11
N PHE A 418 -25.73 9.43 6.14
CA PHE A 418 -24.32 9.14 6.29
C PHE A 418 -24.21 7.78 6.97
N TYR A 419 -23.00 7.43 7.40
CA TYR A 419 -22.80 6.22 8.20
C TYR A 419 -23.69 6.25 9.45
N GLY A 420 -24.21 5.08 9.83
CA GLY A 420 -24.99 4.97 11.05
C GLY A 420 -24.11 5.14 12.28
N MET B 1 -27.88 2.06 -3.86
CA MET B 1 -28.67 3.29 -3.83
C MET B 1 -28.13 4.22 -2.74
N ASN B 2 -28.64 4.08 -1.52
CA ASN B 2 -27.97 4.67 -0.36
C ASN B 2 -26.94 3.67 0.15
N ILE B 3 -25.68 3.83 -0.24
CA ILE B 3 -24.69 2.81 0.08
C ILE B 3 -24.43 2.66 1.58
N PHE B 4 -24.82 3.67 2.37
CA PHE B 4 -24.63 3.61 3.81
C PHE B 4 -25.46 2.52 4.48
N ASN B 5 -26.44 1.98 3.76
CA ASN B 5 -27.21 0.85 4.28
C ASN B 5 -26.67 -0.50 3.82
N ASN B 6 -25.57 -0.48 3.06
CA ASN B 6 -24.96 -1.72 2.57
C ASN B 6 -24.22 -2.49 3.66
N ASN B 7 -24.77 -3.63 4.06
CA ASN B 7 -24.08 -4.48 5.03
C ASN B 7 -23.55 -5.75 4.37
N LEU B 8 -22.31 -6.08 4.69
CA LEU B 8 -21.57 -7.13 3.96
C LEU B 8 -22.30 -8.47 3.98
N HIS B 9 -22.90 -8.80 5.11
CA HIS B 9 -23.67 -10.04 5.25
C HIS B 9 -24.83 -10.12 4.24
N GLU B 10 -25.38 -8.95 3.90
CA GLU B 10 -26.49 -8.87 2.96
C GLU B 10 -26.03 -8.68 1.52
N THR B 11 -25.11 -7.74 1.30
CA THR B 11 -24.80 -7.31 -0.07
C THR B 11 -23.69 -8.10 -0.76
N ASP B 12 -22.85 -8.79 0.00
CA ASP B 12 -21.82 -9.63 -0.62
C ASP B 12 -21.57 -10.90 0.18
N LYS B 13 -22.51 -11.84 0.08
CA LYS B 13 -22.40 -13.12 0.80
C LYS B 13 -21.14 -13.89 0.45
N GLU B 14 -20.73 -13.86 -0.82
CA GLU B 14 -19.53 -14.57 -1.26
CA GLU B 14 -19.54 -14.58 -1.24
C GLU B 14 -18.29 -14.11 -0.51
N ILE B 15 -18.07 -12.80 -0.46
CA ILE B 15 -16.95 -12.28 0.29
C ILE B 15 -17.13 -12.52 1.81
N ASN B 16 -18.35 -12.36 2.31
CA ASN B 16 -18.61 -12.61 3.72
C ASN B 16 -18.24 -14.04 4.09
N GLU B 17 -18.67 -14.99 3.27
CA GLU B 17 -18.32 -16.40 3.50
C GLU B 17 -16.82 -16.69 3.42
N ILE B 18 -16.12 -16.03 2.51
CA ILE B 18 -14.67 -16.22 2.39
C ILE B 18 -13.96 -15.69 3.63
N ILE B 19 -14.37 -14.54 4.14
CA ILE B 19 -13.75 -13.99 5.34
C ILE B 19 -13.99 -14.94 6.53
N LYS B 20 -15.21 -15.44 6.66
CA LYS B 20 -15.54 -16.41 7.73
C LYS B 20 -14.65 -17.64 7.62
N HIS B 21 -14.49 -18.16 6.42
CA HIS B 21 -13.67 -19.36 6.22
C HIS B 21 -12.18 -19.13 6.45
N GLU B 22 -11.69 -17.94 6.12
CA GLU B 22 -10.31 -17.56 6.44
C GLU B 22 -10.08 -17.49 7.95
N LYS B 23 -11.06 -16.96 8.68
CA LYS B 23 -10.95 -16.93 10.14
CA LYS B 23 -10.95 -16.94 10.14
C LYS B 23 -10.84 -18.37 10.66
N LEU B 24 -11.71 -19.24 10.14
CA LEU B 24 -11.69 -20.64 10.54
C LEU B 24 -10.34 -21.29 10.22
N ARG B 25 -9.81 -21.01 9.03
CA ARG B 25 -8.54 -21.58 8.62
C ARG B 25 -7.43 -21.12 9.56
N GLN B 26 -7.30 -19.81 9.76
CA GLN B 26 -6.32 -19.29 10.71
C GLN B 26 -6.46 -19.92 12.10
N SER B 27 -7.70 -20.15 12.54
CA SER B 27 -7.91 -20.69 13.87
C SER B 27 -7.51 -22.16 14.01
N SER B 28 -7.56 -22.89 12.89
CA SER B 28 -7.46 -24.36 12.93
CA SER B 28 -7.46 -24.35 12.97
C SER B 28 -6.07 -24.91 12.59
N VAL B 29 -5.16 -24.05 12.17
CA VAL B 29 -3.85 -24.62 11.84
C VAL B 29 -2.76 -24.14 12.77
N ILE B 30 -1.63 -24.83 12.72
CA ILE B 30 -0.44 -24.37 13.41
C ILE B 30 0.38 -23.57 12.40
N GLU B 31 0.32 -22.25 12.53
CA GLU B 31 0.93 -21.31 11.60
C GLU B 31 2.39 -21.11 11.96
N LEU B 32 3.30 -21.71 11.20
CA LEU B 32 4.73 -21.58 11.46
C LEU B 32 5.45 -20.82 10.38
N ILE B 33 4.70 -20.11 9.53
CA ILE B 33 5.34 -19.22 8.57
C ILE B 33 5.98 -18.07 9.35
N ALA B 34 7.30 -17.91 9.21
CA ALA B 34 8.09 -17.04 10.10
C ALA B 34 7.71 -15.56 10.00
N SER B 35 7.17 -15.18 8.85
CA SER B 35 6.83 -13.79 8.58
C SER B 35 5.41 -13.46 9.00
N GLU B 36 4.69 -14.43 9.54
CA GLU B 36 3.29 -14.20 9.88
C GLU B 36 3.08 -13.96 11.37
N ASN B 37 1.94 -13.32 11.68
CA ASN B 37 1.54 -13.08 13.06
C ASN B 37 0.04 -12.89 13.08
N PHE B 38 -0.52 -12.66 14.27
CA PHE B 38 -1.93 -12.32 14.42
C PHE B 38 -2.06 -10.96 15.09
N VAL B 39 -2.72 -10.01 14.44
CA VAL B 39 -2.93 -8.67 15.04
C VAL B 39 -4.11 -8.64 16.00
N SER B 40 -4.09 -7.69 16.95
CA SER B 40 -5.13 -7.57 17.95
C SER B 40 -6.42 -7.07 17.32
N PRO B 41 -7.56 -7.33 17.98
CA PRO B 41 -8.83 -6.78 17.49
C PRO B 41 -8.81 -5.25 17.44
N ALA B 42 -8.03 -4.61 18.32
CA ALA B 42 -7.89 -3.16 18.32
C ALA B 42 -7.26 -2.67 17.00
N VAL B 43 -6.20 -3.35 16.58
CA VAL B 43 -5.55 -3.05 15.32
C VAL B 43 -6.55 -3.22 14.17
N LEU B 44 -7.31 -4.31 14.21
CA LEU B 44 -8.30 -4.57 13.16
C LEU B 44 -9.37 -3.47 13.09
N GLU B 45 -9.79 -2.97 14.24
CA GLU B 45 -10.85 -1.97 14.28
C GLU B 45 -10.35 -0.68 13.63
N ALA B 46 -9.12 -0.28 13.95
CA ALA B 46 -8.57 0.92 13.35
C ALA B 46 -8.31 0.70 11.86
N GLN B 47 -7.83 -0.48 11.51
CA GLN B 47 -7.57 -0.85 10.11
C GLN B 47 -8.81 -0.69 9.23
N GLY B 48 -9.97 -0.97 9.80
CA GLY B 48 -11.22 -0.83 9.06
C GLY B 48 -11.89 0.53 9.19
N ALA B 49 -11.14 1.54 9.62
CA ALA B 49 -11.74 2.85 9.89
C ALA B 49 -12.04 3.67 8.64
N LEU B 50 -13.04 4.54 8.77
CA LEU B 50 -13.41 5.47 7.68
C LEU B 50 -12.36 6.55 7.39
N LEU B 51 -11.23 6.49 8.10
CA LEU B 51 -10.07 7.31 7.73
C LEU B 51 -9.61 7.03 6.30
N THR B 52 -10.04 5.90 5.71
CA THR B 52 -9.70 5.64 4.31
C THR B 52 -10.30 6.70 3.38
N ASN B 53 -11.39 7.34 3.81
CA ASN B 53 -12.03 8.35 2.97
C ASN B 53 -11.21 9.64 2.75
N LYS B 54 -10.16 9.84 3.54
CA LYS B 54 -9.43 11.11 3.53
C LYS B 54 -8.14 11.08 2.71
N TYR B 55 -8.02 12.00 1.74
CA TYR B 55 -6.79 12.16 0.99
C TYR B 55 -5.84 13.04 1.77
N ALA B 56 -4.64 12.53 2.05
CA ALA B 56 -3.75 13.26 2.95
C ALA B 56 -2.33 13.32 2.41
N GLU B 57 -2.18 13.53 1.11
CA GLU B 57 -0.85 13.73 0.53
C GLU B 57 -0.07 14.78 1.31
N GLY B 58 1.22 14.54 1.52
CA GLY B 58 2.06 15.41 2.34
C GLY B 58 2.25 14.81 3.71
N TYR B 59 2.58 15.66 4.68
CA TYR B 59 2.88 15.22 6.03
C TYR B 59 2.05 16.05 7.02
N PRO B 60 1.94 15.59 8.29
CA PRO B 60 1.11 16.35 9.23
C PRO B 60 1.45 17.83 9.29
N SER B 61 0.42 18.67 9.26
CA SER B 61 0.54 20.13 9.24
C SER B 61 1.21 20.66 7.97
N LYS B 62 1.49 19.76 7.03
CA LYS B 62 2.11 20.11 5.76
C LYS B 62 1.48 19.28 4.65
N ARG B 63 0.15 19.28 4.63
CA ARG B 63 -0.62 18.46 3.69
C ARG B 63 -0.97 19.24 2.42
N PHE B 64 -1.37 18.52 1.37
CA PHE B 64 -1.82 19.15 0.14
C PHE B 64 -3.35 19.07 -0.05
N TYR B 65 -4.05 18.86 1.07
CA TYR B 65 -5.51 18.88 1.10
C TYR B 65 -5.91 19.49 2.43
N ASN B 66 -6.95 20.33 2.43
CA ASN B 66 -7.50 20.81 3.68
C ASN B 66 -8.28 19.69 4.36
N GLY B 67 -8.61 19.89 5.63
CA GLY B 67 -9.46 18.95 6.35
C GLY B 67 -8.76 17.79 7.03
N CYS B 68 -7.42 17.80 7.07
CA CYS B 68 -6.63 16.71 7.65
C CYS B 68 -6.35 16.81 9.16
N GLU B 69 -7.02 17.71 9.87
CA GLU B 69 -6.73 17.93 11.30
C GLU B 69 -6.80 16.67 12.18
N GLU B 70 -7.73 15.77 11.88
CA GLU B 70 -7.84 14.54 12.66
C GLU B 70 -6.86 13.47 12.22
N VAL B 71 -6.74 13.24 10.91
CA VAL B 71 -5.79 12.22 10.44
C VAL B 71 -4.36 12.62 10.79
N ASP B 72 -4.10 13.92 10.88
CA ASP B 72 -2.80 14.41 11.35
C ASP B 72 -2.50 13.95 12.77
N LYS B 73 -3.53 13.90 13.62
CA LYS B 73 -3.32 13.49 15.00
C LYS B 73 -2.96 12.02 15.05
N ALA B 74 -3.57 11.23 14.16
CA ALA B 74 -3.30 9.80 14.13
C ALA B 74 -1.87 9.56 13.68
N GLU B 75 -1.46 10.24 12.61
CA GLU B 75 -0.12 10.05 12.07
C GLU B 75 0.93 10.54 13.05
N ASN B 76 0.66 11.67 13.70
CA ASN B 76 1.61 12.17 14.67
C ASN B 76 1.77 11.22 15.86
N LEU B 77 0.69 10.58 16.28
CA LEU B 77 0.75 9.58 17.35
C LEU B 77 1.58 8.38 16.89
N ALA B 78 1.41 7.95 15.65
CA ALA B 78 2.19 6.84 15.12
C ALA B 78 3.69 7.17 15.14
N ILE B 79 4.02 8.38 14.71
CA ILE B 79 5.39 8.82 14.66
C ILE B 79 5.99 8.97 16.05
N GLU B 80 5.26 9.60 16.97
CA GLU B 80 5.78 9.79 18.30
C GLU B 80 5.96 8.45 19.04
N ARG B 81 5.02 7.54 18.86
CA ARG B 81 5.10 6.24 19.53
C ARG B 81 6.23 5.38 18.99
N VAL B 82 6.42 5.36 17.67
CA VAL B 82 7.50 4.54 17.09
C VAL B 82 8.86 5.14 17.40
N LYS B 83 8.94 6.47 17.48
CA LYS B 83 10.19 7.12 17.83
C LYS B 83 10.60 6.76 19.25
N LYS B 84 9.61 6.67 20.15
CA LYS B 84 9.86 6.26 21.52
C LYS B 84 10.24 4.78 21.56
N LEU B 85 9.55 3.97 20.78
CA LEU B 85 9.78 2.54 20.74
C LEU B 85 11.20 2.19 20.29
N PHE B 86 11.69 2.90 19.29
CA PHE B 86 13.01 2.61 18.73
C PHE B 86 14.08 3.59 19.16
N ASN B 87 13.72 4.52 20.04
CA ASN B 87 14.63 5.55 20.55
C ASN B 87 15.39 6.23 19.42
N CYS B 88 14.63 6.81 18.49
CA CYS B 88 15.22 7.42 17.30
C CYS B 88 14.61 8.81 16.98
N LYS B 89 15.27 9.55 16.11
CA LYS B 89 14.98 10.96 15.92
C LYS B 89 14.08 11.23 14.73
N TYR B 90 14.06 10.29 13.79
CA TYR B 90 13.27 10.41 12.57
C TYR B 90 12.43 9.15 12.36
N ALA B 91 11.19 9.33 11.93
CA ALA B 91 10.33 8.24 11.50
C ALA B 91 9.40 8.65 10.36
N ASN B 92 9.16 7.70 9.47
CA ASN B 92 8.18 7.84 8.41
C ASN B 92 7.27 6.62 8.48
N VAL B 93 5.99 6.87 8.77
CA VAL B 93 5.02 5.80 8.99
C VAL B 93 4.11 5.60 7.78
N GLN B 94 4.39 6.33 6.70
CA GLN B 94 3.58 6.24 5.48
C GLN B 94 3.82 5.09 4.47
N PRO B 95 5.00 4.43 4.47
CA PRO B 95 5.21 3.42 3.43
C PRO B 95 4.14 2.33 3.44
N HIS B 96 3.63 2.00 2.26
CA HIS B 96 2.53 1.05 2.15
C HIS B 96 2.93 -0.37 2.52
N SER B 97 4.23 -0.65 2.47
CA SER B 97 4.73 -2.01 2.68
C SER B 97 6.22 -1.95 2.96
N GLY B 98 6.82 -3.08 3.35
CA GLY B 98 8.26 -3.14 3.51
C GLY B 98 9.00 -2.84 2.21
N SER B 99 8.43 -3.27 1.10
CA SER B 99 9.05 -3.07 -0.19
C SER B 99 9.10 -1.60 -0.55
N GLN B 100 7.99 -0.90 -0.33
CA GLN B 100 7.97 0.52 -0.61
C GLN B 100 8.86 1.31 0.35
N ALA B 101 8.99 0.85 1.59
CA ALA B 101 9.90 1.53 2.51
C ALA B 101 11.33 1.49 1.94
N ASN B 102 11.73 0.30 1.49
CA ASN B 102 13.05 0.11 0.89
C ASN B 102 13.24 0.99 -0.34
N GLN B 103 12.20 1.09 -1.16
CA GLN B 103 12.30 1.86 -2.40
C GLN B 103 12.44 3.35 -2.16
N ALA B 104 11.79 3.84 -1.10
CA ALA B 104 11.94 5.24 -0.70
C ALA B 104 13.40 5.55 -0.39
N VAL B 105 14.07 4.61 0.29
CA VAL B 105 15.48 4.80 0.63
C VAL B 105 16.32 4.81 -0.66
N TYR B 106 16.02 3.91 -1.59
CA TYR B 106 16.71 3.90 -2.87
CA TYR B 106 16.75 3.91 -2.86
C TYR B 106 16.53 5.22 -3.62
N LEU B 107 15.29 5.70 -3.65
CA LEU B 107 15.00 6.95 -4.37
C LEU B 107 15.68 8.15 -3.70
N ALA B 108 15.82 8.10 -2.38
CA ALA B 108 16.48 9.18 -1.66
C ALA B 108 18.00 9.24 -1.86
N LEU B 109 18.63 8.06 -2.00
CA LEU B 109 20.10 7.99 -1.93
C LEU B 109 20.78 7.61 -3.22
N LEU B 110 20.06 6.97 -4.15
CA LEU B 110 20.71 6.40 -5.32
C LEU B 110 20.21 6.96 -6.65
N GLN B 111 21.00 6.74 -7.70
CA GLN B 111 20.57 6.94 -9.07
C GLN B 111 20.55 5.57 -9.72
N PRO B 112 19.66 5.36 -10.71
CA PRO B 112 19.65 4.07 -11.41
C PRO B 112 21.04 3.78 -11.93
N GLY B 113 21.47 2.52 -11.85
CA GLY B 113 22.80 2.13 -12.24
C GLY B 113 23.80 2.06 -11.09
N ASP B 114 23.47 2.68 -9.96
CA ASP B 114 24.39 2.70 -8.82
C ASP B 114 24.60 1.29 -8.31
N THR B 115 25.79 1.02 -7.77
CA THR B 115 26.10 -0.29 -7.21
C THR B 115 25.58 -0.43 -5.79
N VAL B 116 24.90 -1.54 -5.51
CA VAL B 116 24.30 -1.78 -4.21
C VAL B 116 24.73 -3.17 -3.76
N LEU B 117 25.26 -3.27 -2.54
CA LEU B 117 25.74 -4.54 -1.99
C LEU B 117 24.78 -5.07 -0.92
N GLY B 118 24.20 -6.24 -1.17
CA GLY B 118 23.19 -6.81 -0.29
C GLY B 118 23.37 -8.31 -0.13
N MET B 119 22.66 -8.91 0.84
CA MET B 119 22.75 -10.35 1.09
C MET B 119 22.10 -11.11 -0.05
N SER B 120 22.80 -12.11 -0.60
CA SER B 120 22.26 -12.86 -1.74
C SER B 120 20.95 -13.58 -1.39
N LEU B 121 20.07 -13.73 -2.39
CA LEU B 121 18.85 -14.51 -2.23
C LEU B 121 19.19 -15.89 -1.68
N ASP B 122 20.20 -16.50 -2.30
CA ASP B 122 20.67 -17.83 -1.93
C ASP B 122 20.97 -17.94 -0.43
N SER B 123 21.62 -16.92 0.12
CA SER B 123 22.03 -16.93 1.52
C SER B 123 20.93 -16.50 2.51
N GLY B 124 19.78 -16.10 1.98
CA GLY B 124 18.67 -15.71 2.84
C GLY B 124 18.35 -14.22 2.85
N GLY B 125 18.88 -13.48 1.88
CA GLY B 125 18.55 -12.07 1.74
C GLY B 125 17.18 -11.88 1.09
N HIS B 126 16.66 -10.65 1.11
CA HIS B 126 15.32 -10.40 0.56
C HIS B 126 15.37 -9.99 -0.91
N LEU B 127 14.25 -10.21 -1.62
CA LEU B 127 14.07 -9.79 -3.02
C LEU B 127 14.51 -8.36 -3.30
N THR B 128 14.23 -7.47 -2.35
CA THR B 128 14.40 -6.05 -2.54
C THR B 128 15.81 -5.58 -2.24
N HIS B 129 16.70 -6.54 -2.00
CA HIS B 129 18.10 -6.21 -1.69
C HIS B 129 18.99 -6.42 -2.90
N GLY B 130 18.38 -6.55 -4.07
CA GLY B 130 19.14 -6.63 -5.31
C GLY B 130 18.84 -7.80 -6.23
N ALA B 131 17.78 -8.55 -5.95
CA ALA B 131 17.46 -9.73 -6.73
C ALA B 131 17.08 -9.34 -8.16
N ALA B 132 17.54 -10.13 -9.11
CA ALA B 132 17.33 -9.84 -10.53
C ALA B 132 15.90 -9.54 -10.97
N PRO B 133 14.88 -10.26 -10.44
CA PRO B 133 13.55 -9.92 -10.96
C PRO B 133 12.90 -8.76 -10.22
N ASN B 134 13.59 -8.18 -9.24
CA ASN B 134 13.06 -7.05 -8.48
C ASN B 134 13.65 -5.76 -9.01
N MET B 135 12.94 -4.63 -8.82
CA MET B 135 13.48 -3.32 -9.19
C MET B 135 14.92 -3.13 -8.73
N SER B 136 15.23 -3.66 -7.55
CA SER B 136 16.56 -3.49 -6.98
C SER B 136 17.66 -4.10 -7.83
N GLY B 137 17.36 -5.20 -8.51
CA GLY B 137 18.34 -5.82 -9.39
C GLY B 137 18.21 -5.35 -10.85
N LYS B 138 17.01 -4.95 -11.23
CA LYS B 138 16.75 -4.59 -12.63
C LYS B 138 17.34 -3.22 -12.97
N TRP B 139 17.28 -2.30 -12.02
CA TRP B 139 17.55 -0.90 -12.28
C TRP B 139 18.81 -0.40 -11.59
N PHE B 140 19.48 -1.29 -10.87
CA PHE B 140 20.72 -0.94 -10.17
C PHE B 140 21.74 -2.04 -10.39
N ASN B 141 23.01 -1.73 -10.18
CA ASN B 141 24.05 -2.74 -10.30
C ASN B 141 24.15 -3.51 -8.98
N ALA B 142 23.37 -4.57 -8.85
CA ALA B 142 23.36 -5.34 -7.62
C ALA B 142 24.50 -6.36 -7.56
N VAL B 143 25.26 -6.28 -6.47
CA VAL B 143 26.27 -7.29 -6.12
C VAL B 143 25.88 -7.86 -4.75
N SER B 144 26.31 -9.08 -4.47
CA SER B 144 25.84 -9.75 -3.27
C SER B 144 26.96 -10.32 -2.43
N TYR B 145 26.73 -10.37 -1.13
CA TYR B 145 27.58 -11.15 -0.25
C TYR B 145 26.82 -12.38 0.22
N SER B 146 27.54 -13.38 0.71
CA SER B 146 26.93 -14.61 1.15
C SER B 146 27.51 -15.09 2.47
N VAL B 147 26.79 -15.98 3.14
CA VAL B 147 27.27 -16.56 4.38
C VAL B 147 28.43 -17.49 4.10
N ASN B 148 29.16 -17.84 5.15
CA ASN B 148 30.26 -18.77 5.03
C ASN B 148 29.76 -20.15 4.62
N LYS B 149 30.45 -20.79 3.67
CA LYS B 149 29.99 -22.04 3.09
C LYS B 149 29.99 -23.22 4.08
N GLU B 150 30.67 -23.05 5.21
CA GLU B 150 30.76 -24.11 6.22
C GLU B 150 29.82 -23.85 7.38
N THR B 151 29.83 -22.63 7.90
CA THR B 151 29.13 -22.27 9.14
C THR B 151 27.75 -21.67 8.88
N TYR B 152 27.52 -21.27 7.64
CA TYR B 152 26.27 -20.61 7.23
C TYR B 152 26.03 -19.31 7.98
N LEU B 153 27.10 -18.74 8.52
CA LEU B 153 27.07 -17.47 9.22
C LEU B 153 27.66 -16.34 8.37
N ILE B 154 27.13 -15.13 8.58
CA ILE B 154 27.66 -13.94 7.94
C ILE B 154 29.15 -13.79 8.22
N ASP B 155 29.90 -13.43 7.17
CA ASP B 155 31.34 -13.24 7.24
C ASP B 155 31.63 -11.77 6.95
N TYR B 156 32.03 -11.02 7.97
CA TYR B 156 32.24 -9.59 7.83
C TYR B 156 33.49 -9.27 7.02
N ASP B 157 34.51 -10.13 7.12
CA ASP B 157 35.71 -9.96 6.30
C ASP B 157 35.35 -10.05 4.83
N GLU B 158 34.49 -11.01 4.49
CA GLU B 158 34.03 -11.16 3.12
C GLU B 158 33.26 -9.92 2.67
N ILE B 159 32.38 -9.44 3.53
CA ILE B 159 31.60 -8.23 3.21
C ILE B 159 32.54 -7.05 2.96
N GLU B 160 33.59 -6.94 3.77
CA GLU B 160 34.51 -5.83 3.66
C GLU B 160 35.31 -5.96 2.35
N ARG B 161 35.68 -7.20 2.01
CA ARG B 161 36.38 -7.45 0.77
C ARG B 161 35.54 -7.01 -0.41
N LEU B 162 34.27 -7.39 -0.40
CA LEU B 162 33.36 -7.08 -1.49
C LEU B 162 33.04 -5.58 -1.55
N ALA B 163 33.00 -4.94 -0.39
CA ALA B 163 32.77 -3.51 -0.33
C ALA B 163 33.92 -2.74 -0.98
N ASP B 164 35.15 -3.19 -0.72
CA ASP B 164 36.31 -2.55 -1.31
CA ASP B 164 36.33 -2.57 -1.31
C ASP B 164 36.35 -2.84 -2.81
N LEU B 165 36.03 -4.08 -3.18
CA LEU B 165 36.09 -4.48 -4.58
C LEU B 165 35.09 -3.70 -5.42
N HIS B 166 33.88 -3.54 -4.91
CA HIS B 166 32.79 -3.03 -5.74
C HIS B 166 32.42 -1.59 -5.45
N LYS B 167 32.95 -1.04 -4.36
CA LYS B 167 32.65 0.33 -3.96
C LYS B 167 31.16 0.65 -4.08
N PRO B 168 30.32 -0.08 -3.33
CA PRO B 168 28.88 0.14 -3.49
C PRO B 168 28.48 1.52 -2.97
N LYS B 169 27.42 2.10 -3.53
CA LYS B 169 26.87 3.34 -3.02
C LYS B 169 26.02 3.04 -1.79
N LEU B 170 25.51 1.82 -1.73
CA LEU B 170 24.64 1.41 -0.61
C LEU B 170 24.96 -0.01 -0.20
N LEU B 171 25.13 -0.23 1.11
CA LEU B 171 25.30 -1.56 1.66
C LEU B 171 24.07 -1.89 2.50
N ILE B 172 23.43 -3.01 2.22
CA ILE B 172 22.23 -3.41 2.96
C ILE B 172 22.53 -4.56 3.91
N ALA B 173 22.06 -4.43 5.14
CA ALA B 173 22.08 -5.51 6.12
C ALA B 173 20.63 -5.86 6.45
N GLY B 174 20.37 -7.13 6.72
CA GLY B 174 19.01 -7.57 6.93
C GLY B 174 18.72 -8.79 6.08
N PHE B 175 17.66 -9.51 6.41
CA PHE B 175 17.44 -10.81 5.80
C PHE B 175 15.98 -11.23 5.93
N SER B 176 15.58 -12.23 5.14
CA SER B 176 14.27 -12.84 5.31
C SER B 176 14.40 -14.24 5.90
N ALA B 177 15.57 -14.86 5.74
CA ALA B 177 15.78 -16.19 6.29
C ALA B 177 17.20 -16.37 6.86
N TYR B 178 17.42 -15.86 8.07
CA TYR B 178 18.71 -15.99 8.74
C TYR B 178 18.43 -16.07 10.24
N PRO B 179 19.00 -17.09 10.92
CA PRO B 179 18.63 -17.40 12.30
C PRO B 179 19.56 -16.83 13.38
N ARG B 180 20.49 -15.94 13.03
CA ARG B 180 21.43 -15.42 14.02
C ARG B 180 21.53 -13.88 14.04
N ASN B 181 22.27 -13.36 15.01
CA ASN B 181 22.46 -11.92 15.20
C ASN B 181 23.25 -11.28 14.08
N ILE B 182 23.03 -9.98 13.87
CA ILE B 182 23.78 -9.18 12.92
C ILE B 182 24.54 -8.12 13.71
N ASP B 183 25.81 -7.89 13.39
CA ASP B 183 26.56 -6.83 14.04
C ASP B 183 26.47 -5.55 13.20
N PHE B 184 25.56 -4.66 13.56
CA PHE B 184 25.32 -3.43 12.78
C PHE B 184 26.50 -2.45 12.89
N ALA B 185 27.21 -2.51 14.02
CA ALA B 185 28.36 -1.66 14.22
C ALA B 185 29.40 -1.94 13.13
N LYS B 186 29.59 -3.23 12.84
CA LYS B 186 30.57 -3.64 11.84
C LYS B 186 30.18 -3.17 10.45
N PHE B 187 28.88 -3.20 10.16
CA PHE B 187 28.40 -2.73 8.87
C PHE B 187 28.70 -1.25 8.66
N ARG B 188 28.50 -0.43 9.69
CA ARG B 188 28.79 1.00 9.60
C ARG B 188 30.29 1.26 9.48
N GLU B 189 31.09 0.49 10.21
CA GLU B 189 32.54 0.61 10.14
C GLU B 189 33.01 0.38 8.70
N ILE B 190 32.43 -0.63 8.05
CA ILE B 190 32.74 -0.93 6.65
C ILE B 190 32.27 0.15 5.66
N VAL B 191 31.03 0.64 5.78
CA VAL B 191 30.55 1.64 4.82
C VAL B 191 31.34 2.94 4.89
N ASP B 192 31.77 3.33 6.09
CA ASP B 192 32.51 4.58 6.26
C ASP B 192 33.86 4.56 5.56
N LYS B 193 34.48 3.39 5.51
CA LYS B 193 35.76 3.26 4.83
C LYS B 193 35.66 3.32 3.31
N VAL B 194 34.48 3.07 2.77
CA VAL B 194 34.30 3.08 1.31
C VAL B 194 33.38 4.20 0.84
N GLY B 195 32.96 5.05 1.77
CA GLY B 195 32.08 6.17 1.46
C GLY B 195 30.71 5.76 0.97
N ALA B 196 30.15 4.71 1.57
CA ALA B 196 28.83 4.23 1.18
C ALA B 196 27.80 4.60 2.24
N TYR B 197 26.54 4.54 1.86
CA TYR B 197 25.44 4.56 2.83
C TYR B 197 25.17 3.15 3.33
N PHE B 198 24.65 3.07 4.57
CA PHE B 198 24.27 1.81 5.18
C PHE B 198 22.77 1.83 5.47
N MET B 199 22.04 0.91 4.85
CA MET B 199 20.63 0.68 5.15
C MET B 199 20.47 -0.62 5.91
N ALA B 200 19.73 -0.59 7.02
CA ALA B 200 19.43 -1.80 7.78
C ALA B 200 17.95 -2.16 7.65
N ASP B 201 17.69 -3.28 6.99
CA ASP B 201 16.31 -3.73 6.78
C ASP B 201 15.99 -4.76 7.86
N ILE B 202 15.24 -4.34 8.86
CA ILE B 202 15.03 -5.17 10.03
C ILE B 202 13.61 -5.73 10.11
N ALA B 203 12.93 -5.79 8.97
CA ALA B 203 11.55 -6.29 8.92
C ALA B 203 11.30 -7.53 9.77
N HIS B 204 12.12 -8.56 9.58
CA HIS B 204 11.91 -9.80 10.35
C HIS B 204 12.18 -9.62 11.84
N ILE B 205 13.26 -8.92 12.17
CA ILE B 205 13.70 -8.87 13.56
C ILE B 205 13.34 -7.57 14.27
N ALA B 206 12.43 -6.81 13.67
CA ALA B 206 12.10 -5.48 14.19
C ALA B 206 11.61 -5.56 15.61
N GLY B 207 10.87 -6.63 15.94
CA GLY B 207 10.36 -6.77 17.28
C GLY B 207 11.45 -7.07 18.28
N LEU B 208 12.52 -7.74 17.83
CA LEU B 208 13.67 -7.98 18.71
C LEU B 208 14.42 -6.67 18.98
N VAL B 209 14.59 -5.86 17.93
CA VAL B 209 15.23 -4.56 18.07
C VAL B 209 14.45 -3.66 19.03
N ALA B 210 13.14 -3.67 18.89
CA ALA B 210 12.28 -2.79 19.67
C ALA B 210 12.30 -3.10 21.17
N THR B 211 12.65 -4.34 21.52
CA THR B 211 12.62 -4.78 22.92
C THR B 211 14.02 -5.03 23.46
N GLY B 212 15.03 -4.64 22.68
CA GLY B 212 16.42 -4.75 23.12
C GLY B 212 16.97 -6.16 23.10
N GLU B 213 16.29 -7.03 22.35
CA GLU B 213 16.68 -8.42 22.28
C GLU B 213 17.59 -8.65 21.08
N HIS B 214 17.78 -7.59 20.30
CA HIS B 214 18.82 -7.54 19.28
C HIS B 214 19.39 -6.13 19.25
N GLN B 215 20.69 -6.03 18.94
CA GLN B 215 21.35 -4.74 18.80
C GLN B 215 20.57 -3.84 17.88
N SER B 216 20.42 -2.58 18.25
CA SER B 216 19.66 -1.66 17.41
C SER B 216 20.56 -1.16 16.29
N PRO B 217 20.01 -1.02 15.07
CA PRO B 217 20.76 -0.42 13.98
C PRO B 217 20.67 1.10 14.01
N ILE B 218 19.84 1.67 14.89
CA ILE B 218 19.65 3.12 14.90
C ILE B 218 20.96 3.95 15.09
N PRO B 219 21.89 3.49 15.93
CA PRO B 219 23.10 4.32 16.03
C PRO B 219 24.01 4.20 14.80
N TYR B 220 23.75 3.23 13.94
CA TYR B 220 24.72 2.81 12.92
C TYR B 220 24.29 3.02 11.48
N ALA B 221 23.00 2.83 11.20
CA ALA B 221 22.51 2.92 9.82
C ALA B 221 22.07 4.34 9.48
N HIS B 222 22.32 4.75 8.23
CA HIS B 222 21.77 6.00 7.71
C HIS B 222 20.24 5.92 7.59
N ALA B 223 19.75 4.75 7.22
CA ALA B 223 18.31 4.49 7.12
C ALA B 223 17.98 3.11 7.65
N VAL B 224 16.90 3.01 8.40
CA VAL B 224 16.43 1.71 8.90
C VAL B 224 15.05 1.47 8.33
N THR B 225 14.87 0.33 7.68
CA THR B 225 13.56 0.02 7.12
C THR B 225 12.96 -1.19 7.80
N SER B 226 11.63 -1.30 7.73
CA SER B 226 10.97 -2.44 8.31
C SER B 226 9.55 -2.53 7.81
N THR B 227 8.97 -3.71 7.97
CA THR B 227 7.53 -3.89 7.94
C THR B 227 6.99 -3.58 9.32
N THR B 228 5.70 -3.25 9.39
CA THR B 228 5.02 -3.08 10.67
C THR B 228 4.37 -4.38 11.12
N HIS B 229 4.19 -5.29 10.17
CA HIS B 229 3.74 -6.65 10.45
C HIS B 229 5.01 -7.47 10.70
N1 LLP B 230 12.43 -6.77 3.57
C2 LLP B 230 12.50 -7.79 4.44
C2' LLP B 230 13.81 -8.09 5.14
C3 LLP B 230 11.31 -8.61 4.70
O3 LLP B 230 11.34 -9.66 5.56
C4 LLP B 230 10.07 -8.26 3.97
C4' LLP B 230 8.84 -9.09 4.24
C5 LLP B 230 10.12 -7.10 3.04
C6 LLP B 230 11.32 -6.43 2.89
C5' LLP B 230 8.94 -6.66 2.20
OP4 LLP B 230 7.77 -6.30 2.92
P LLP B 230 6.36 -6.35 2.13
OP1 LLP B 230 5.44 -5.67 3.12
OP2 LLP B 230 6.50 -5.62 0.82
OP3 LLP B 230 6.08 -7.83 1.89
N LLP B 230 4.88 -8.80 10.79
CA LLP B 230 6.00 -9.71 11.12
CB LLP B 230 7.31 -9.56 10.32
CG LLP B 230 7.05 -9.65 8.82
CD LLP B 230 8.31 -9.69 7.96
CE LLP B 230 7.91 -9.67 6.49
NZ LLP B 230 9.04 -9.59 5.58
C LLP B 230 6.17 -9.65 12.62
O LLP B 230 5.14 -9.65 13.32
N THR B 231 7.39 -9.60 13.15
CA THR B 231 7.54 -9.68 14.61
C THR B 231 6.94 -8.51 15.36
N LEU B 232 6.82 -7.35 14.71
CA LEU B 232 6.22 -6.18 15.36
C LEU B 232 4.72 -6.33 15.58
N ARG B 233 4.11 -7.29 14.88
CA ARG B 233 2.71 -7.66 15.10
C ARG B 233 1.75 -6.49 14.85
N GLY B 234 2.09 -5.63 13.91
CA GLY B 234 1.20 -4.55 13.57
C GLY B 234 0.42 -4.81 12.30
N PRO B 235 -0.31 -3.80 11.82
CA PRO B 235 -1.01 -3.94 10.55
C PRO B 235 0.02 -4.06 9.44
N ARG B 236 -0.44 -4.48 8.27
CA ARG B 236 0.45 -4.73 7.14
C ARG B 236 0.83 -3.42 6.48
N GLY B 237 2.13 -3.13 6.48
CA GLY B 237 2.61 -1.85 6.00
C GLY B 237 4.10 -1.71 6.21
N GLY B 238 4.63 -0.54 5.90
CA GLY B 238 6.05 -0.30 6.05
C GLY B 238 6.40 0.86 6.97
N LEU B 239 7.71 1.06 7.16
CA LEU B 239 8.22 1.97 8.18
C LEU B 239 9.66 2.30 7.85
N ILE B 240 10.03 3.56 8.01
CA ILE B 240 11.43 3.97 7.88
C ILE B 240 11.82 4.78 9.11
N LEU B 241 13.01 4.49 9.65
CA LEU B 241 13.53 5.18 10.81
C LEU B 241 14.96 5.64 10.58
N SER B 242 15.41 6.64 11.33
CA SER B 242 16.81 7.05 11.29
C SER B 242 17.13 7.97 12.46
N ASN B 243 18.40 8.02 12.82
CA ASN B 243 18.88 9.04 13.77
C ASN B 243 19.55 10.21 13.07
N ASP B 244 19.65 10.12 11.75
CA ASP B 244 20.21 11.19 10.92
C ASP B 244 19.07 12.03 10.35
N GLU B 245 18.88 13.24 10.86
CA GLU B 245 17.72 14.03 10.46
C GLU B 245 17.83 14.64 9.06
N GLU B 246 19.06 14.87 8.60
CA GLU B 246 19.26 15.39 7.25
C GLU B 246 18.90 14.35 6.21
N ILE B 247 19.31 13.11 6.45
CA ILE B 247 18.89 11.99 5.61
C ILE B 247 17.38 11.77 5.77
N GLY B 248 16.86 12.01 6.98
CA GLY B 248 15.43 11.93 7.21
C GLY B 248 14.64 12.85 6.29
N HIS B 249 15.14 14.06 6.08
CA HIS B 249 14.49 15.00 5.17
C HIS B 249 14.44 14.45 3.76
N LYS B 250 15.57 13.87 3.32
CA LYS B 250 15.64 13.25 2.00
C LYS B 250 14.69 12.07 1.88
N ILE B 251 14.57 11.27 2.95
CA ILE B 251 13.64 10.14 2.96
CA ILE B 251 13.64 10.14 2.92
C ILE B 251 12.20 10.63 2.86
N ASN B 252 11.88 11.67 3.62
CA ASN B 252 10.53 12.22 3.60
C ASN B 252 10.11 12.60 2.18
N SER B 253 11.00 13.28 1.47
CA SER B 253 10.73 13.76 0.12
C SER B 253 10.69 12.62 -0.90
N ALA B 254 11.51 11.60 -0.67
CA ALA B 254 11.54 10.41 -1.52
C ALA B 254 10.25 9.60 -1.40
N LEU B 255 9.71 9.48 -0.19
CA LEU B 255 8.47 8.72 -0.01
C LEU B 255 7.31 9.45 -0.69
N PHE B 256 7.16 10.73 -0.40
CA PHE B 256 6.20 11.59 -1.10
C PHE B 256 6.85 12.96 -1.24
N PRO B 257 6.87 13.51 -2.46
CA PRO B 257 6.22 13.08 -3.70
C PRO B 257 7.00 12.07 -4.52
N GLY B 258 8.09 11.54 -4.00
CA GLY B 258 8.93 10.67 -4.83
C GLY B 258 8.31 9.36 -5.27
N LEU B 259 7.61 8.67 -4.37
CA LEU B 259 7.28 7.26 -4.57
C LEU B 259 5.80 6.95 -4.46
N GLN B 260 5.17 7.51 -3.44
CA GLN B 260 3.75 7.23 -3.19
C GLN B 260 2.88 8.47 -3.45
N GLY B 261 1.57 8.28 -3.32
CA GLY B 261 0.63 9.38 -3.41
C GLY B 261 -0.03 9.51 -2.05
N GLY B 262 -1.35 9.33 -2.01
CA GLY B 262 -2.06 9.43 -0.74
C GLY B 262 -1.69 8.28 0.18
N PRO B 263 -1.46 8.58 1.47
CA PRO B 263 -1.13 7.49 2.39
C PRO B 263 -2.41 6.80 2.86
N LEU B 264 -2.28 5.62 3.45
CA LEU B 264 -3.45 4.91 3.95
C LEU B 264 -3.68 5.32 5.40
N MET B 265 -4.50 6.35 5.63
CA MET B 265 -4.58 6.90 6.98
C MET B 265 -5.19 5.95 7.99
N HIS B 266 -6.10 5.08 7.53
CA HIS B 266 -6.65 4.06 8.40
C HIS B 266 -5.55 3.09 8.83
N ILE B 267 -4.65 2.72 7.91
CA ILE B 267 -3.56 1.82 8.28
C ILE B 267 -2.57 2.53 9.23
N ILE B 268 -2.37 3.82 9.02
CA ILE B 268 -1.47 4.57 9.90
C ILE B 268 -2.04 4.68 11.31
N ALA B 269 -3.36 4.86 11.41
CA ALA B 269 -3.99 4.83 12.73
C ALA B 269 -3.79 3.44 13.35
N ALA B 270 -3.93 2.41 12.55
CA ALA B 270 -3.71 1.07 13.07
C ALA B 270 -2.24 0.87 13.47
N LYS B 271 -1.31 1.50 12.73
CA LYS B 271 0.10 1.46 13.12
C LYS B 271 0.30 2.07 14.50
N ALA B 272 -0.40 3.17 14.78
CA ALA B 272 -0.29 3.80 16.09
C ALA B 272 -0.76 2.86 17.19
N VAL B 273 -1.91 2.22 16.96
CA VAL B 273 -2.43 1.23 17.90
C VAL B 273 -1.42 0.12 18.18
N ALA B 274 -0.82 -0.43 17.12
CA ALA B 274 0.16 -1.50 17.26
C ALA B 274 1.45 -1.02 17.95
N PHE B 275 1.89 0.18 17.63
CA PHE B 275 3.06 0.73 18.32
C PHE B 275 2.80 0.90 19.82
N LEU B 276 1.60 1.32 20.20
CA LEU B 276 1.32 1.43 21.63
C LEU B 276 1.37 0.05 22.26
N GLU B 277 0.91 -0.97 21.54
CA GLU B 277 0.98 -2.33 22.07
C GLU B 277 2.44 -2.74 22.25
N ASN B 278 3.27 -2.40 21.27
CA ASN B 278 4.71 -2.66 21.35
C ASN B 278 5.37 -2.00 22.57
N LEU B 279 4.82 -0.87 23.00
CA LEU B 279 5.42 -0.14 24.12
C LEU B 279 5.09 -0.74 25.48
N GLN B 280 4.14 -1.67 25.53
CA GLN B 280 3.76 -2.31 26.77
C GLN B 280 4.87 -3.25 27.23
N PRO B 281 5.08 -3.35 28.55
CA PRO B 281 6.10 -4.23 29.11
C PRO B 281 5.93 -5.67 28.64
N GLU B 282 4.68 -6.08 28.44
CA GLU B 282 4.36 -7.43 28.01
C GLU B 282 4.88 -7.76 26.61
N TYR B 283 5.12 -6.73 25.80
CA TYR B 283 5.67 -7.00 24.48
C TYR B 283 7.10 -7.56 24.56
N LYS B 284 7.93 -7.01 25.46
CA LYS B 284 9.27 -7.58 25.66
C LYS B 284 9.18 -9.05 26.07
N SER B 285 8.25 -9.36 26.97
CA SER B 285 8.10 -10.73 27.44
CA SER B 285 8.15 -10.74 27.43
C SER B 285 7.65 -11.63 26.30
N TYR B 286 6.82 -11.08 25.42
CA TYR B 286 6.36 -11.80 24.24
C TYR B 286 7.52 -12.16 23.31
N ILE B 287 8.38 -11.19 23.02
CA ILE B 287 9.54 -11.45 22.15
C ILE B 287 10.51 -12.44 22.83
N GLN B 288 10.65 -12.35 24.15
CA GLN B 288 11.52 -13.31 24.82
C GLN B 288 10.94 -14.71 24.69
N GLN B 289 9.62 -14.83 24.75
CA GLN B 289 8.97 -16.14 24.61
C GLN B 289 9.08 -16.63 23.16
N VAL B 290 8.95 -15.70 22.21
CA VAL B 290 9.13 -16.03 20.79
C VAL B 290 10.49 -16.71 20.57
N ILE B 291 11.54 -16.13 21.15
CA ILE B 291 12.89 -16.66 21.00
C ILE B 291 13.04 -17.99 21.76
N SER B 292 12.58 -18.04 23.00
CA SER B 292 12.61 -19.28 23.78
C SER B 292 11.90 -20.42 23.08
N ASN B 293 10.74 -20.12 22.50
CA ASN B 293 9.98 -21.11 21.72
C ASN B 293 10.75 -21.60 20.51
N ALA B 294 11.41 -20.67 19.83
CA ALA B 294 12.19 -21.04 18.65
C ALA B 294 13.32 -21.99 19.03
N LYS B 295 14.00 -21.71 20.13
CA LYS B 295 15.06 -22.60 20.59
C LYS B 295 14.54 -23.98 20.98
N ALA B 296 13.37 -24.02 21.64
CA ALA B 296 12.74 -25.29 21.99
C ALA B 296 12.35 -26.09 20.76
N LEU B 297 11.84 -25.40 19.75
CA LEU B 297 11.45 -26.06 18.51
C LEU B 297 12.66 -26.69 17.84
N ALA B 298 13.73 -25.91 17.71
CA ALA B 298 14.96 -26.37 17.07
C ALA B 298 15.50 -27.58 17.80
N SER B 299 15.49 -27.51 19.13
CA SER B 299 16.02 -28.61 19.93
C SER B 299 15.19 -29.88 19.85
N SER B 300 13.87 -29.74 19.77
CA SER B 300 13.02 -30.92 19.63
C SER B 300 13.29 -31.62 18.31
N LEU B 301 13.56 -30.84 17.27
CA LEU B 301 13.88 -31.41 15.98
C LEU B 301 15.23 -32.12 15.99
N GLN B 302 16.23 -31.54 16.67
CA GLN B 302 17.56 -32.17 16.73
C GLN B 302 17.48 -33.47 17.50
N GLU B 303 16.67 -33.44 18.55
CA GLU B 303 16.39 -34.60 19.38
C GLU B 303 15.86 -35.74 18.52
N ARG B 304 15.04 -35.40 17.54
CA ARG B 304 14.51 -36.39 16.61
C ARG B 304 15.43 -36.66 15.43
N GLY B 305 16.67 -36.15 15.51
CA GLY B 305 17.69 -36.47 14.50
C GLY B 305 17.77 -35.56 13.28
N TYR B 306 17.05 -34.43 13.30
CA TYR B 306 17.10 -33.53 12.16
C TYR B 306 18.13 -32.43 12.37
N ASP B 307 18.70 -31.93 11.28
CA ASP B 307 19.76 -30.94 11.35
C ASP B 307 19.20 -29.52 11.26
N ILE B 308 19.72 -28.64 12.11
CA ILE B 308 19.32 -27.24 12.11
C ILE B 308 20.48 -26.39 11.62
N LEU B 309 20.24 -25.56 10.61
CA LEU B 309 21.28 -24.68 10.08
C LEU B 309 21.82 -23.74 11.17
N THR B 310 23.14 -23.70 11.29
CA THR B 310 23.86 -23.02 12.39
C THR B 310 23.70 -23.70 13.76
N GLY B 311 22.94 -24.78 13.81
CA GLY B 311 22.78 -25.57 15.02
C GLY B 311 21.83 -25.00 16.06
N GLY B 312 21.00 -24.03 15.66
CA GLY B 312 20.13 -23.35 16.60
C GLY B 312 19.66 -22.00 16.09
N THR B 313 19.24 -21.12 16.99
CA THR B 313 18.77 -19.80 16.55
C THR B 313 18.91 -18.77 17.66
N ASP B 314 19.07 -17.51 17.28
CA ASP B 314 19.08 -16.42 18.25
C ASP B 314 17.78 -15.65 18.10
N ASN B 315 16.95 -16.05 17.14
CA ASN B 315 15.70 -15.33 16.89
C ASN B 315 14.43 -16.19 16.81
N HIS B 316 13.46 -15.74 16.02
CA HIS B 316 12.17 -16.43 15.87
C HIS B 316 12.17 -17.51 14.79
N ILE B 317 13.28 -17.62 14.07
CA ILE B 317 13.37 -18.48 12.89
C ILE B 317 14.15 -19.76 13.17
N VAL B 318 13.62 -20.88 12.69
CA VAL B 318 14.36 -22.14 12.70
C VAL B 318 14.51 -22.65 11.27
N LEU B 319 15.74 -22.85 10.83
CA LEU B 319 16.01 -23.39 9.51
C LEU B 319 16.36 -24.86 9.62
N VAL B 320 15.58 -25.73 8.98
CA VAL B 320 15.88 -27.16 8.98
C VAL B 320 16.62 -27.53 7.69
N ASP B 321 17.74 -28.24 7.86
CA ASP B 321 18.61 -28.65 6.75
C ASP B 321 18.30 -30.12 6.47
N LEU B 322 17.57 -30.39 5.39
CA LEU B 322 17.07 -31.74 5.10
C LEU B 322 17.97 -32.58 4.20
N ARG B 323 19.17 -32.10 3.90
CA ARG B 323 20.02 -32.76 2.90
C ARG B 323 20.41 -34.20 3.21
N LYS B 324 20.73 -34.48 4.46
CA LYS B 324 21.15 -35.83 4.85
C LYS B 324 19.98 -36.80 4.84
N ASP B 325 18.76 -36.28 4.82
CA ASP B 325 17.57 -37.12 4.96
C ASP B 325 16.90 -37.44 3.63
N GLY B 326 17.40 -36.84 2.55
CA GLY B 326 16.90 -37.14 1.21
C GLY B 326 15.49 -36.63 0.96
N ILE B 327 15.05 -35.66 1.75
CA ILE B 327 13.74 -35.05 1.58
C ILE B 327 13.87 -33.63 1.01
N THR B 328 13.06 -33.32 0.00
CA THR B 328 13.03 -31.95 -0.53
C THR B 328 12.21 -31.05 0.39
N GLY B 329 12.53 -29.77 0.41
CA GLY B 329 11.79 -28.83 1.25
C GLY B 329 10.40 -28.61 0.71
N LYS B 330 10.27 -28.70 -0.62
CA LYS B 330 8.96 -28.59 -1.24
C LYS B 330 8.04 -29.72 -0.79
N LEU B 331 8.55 -30.95 -0.86
CA LEU B 331 7.78 -32.12 -0.41
C LEU B 331 7.45 -32.02 1.07
N ALA B 332 8.41 -31.57 1.87
CA ALA B 332 8.20 -31.41 3.30
C ALA B 332 7.12 -30.37 3.61
N ALA B 333 7.27 -29.18 3.02
CA ALA B 333 6.30 -28.12 3.29
C ALA B 333 4.88 -28.53 2.86
N ASN B 334 4.78 -29.26 1.76
CA ASN B 334 3.47 -29.64 1.27
C ASN B 334 2.82 -30.73 2.13
N SER B 335 3.62 -31.68 2.61
CA SER B 335 3.07 -32.70 3.47
C SER B 335 2.65 -32.09 4.80
N LEU B 336 3.51 -31.23 5.35
CA LEU B 336 3.19 -30.55 6.60
C LEU B 336 1.89 -29.75 6.47
N ASP B 337 1.72 -29.06 5.35
CA ASP B 337 0.50 -28.29 5.09
C ASP B 337 -0.74 -29.18 5.16
N ARG B 338 -0.66 -30.36 4.57
CA ARG B 338 -1.83 -31.25 4.59
C ARG B 338 -2.06 -31.79 5.99
N ALA B 339 -1.04 -31.70 6.82
CA ALA B 339 -1.12 -32.16 8.21
C ALA B 339 -1.50 -31.05 9.18
N GLY B 340 -1.77 -29.86 8.63
CA GLY B 340 -2.25 -28.75 9.44
C GLY B 340 -1.16 -27.84 9.98
N ILE B 341 0.02 -27.93 9.38
CA ILE B 341 1.17 -27.17 9.85
C ILE B 341 1.70 -26.40 8.67
N THR B 342 1.58 -25.08 8.69
CA THR B 342 2.01 -24.28 7.54
C THR B 342 3.40 -23.70 7.74
N CYS B 343 4.26 -23.91 6.75
CA CYS B 343 5.62 -23.35 6.78
C CYS B 343 6.09 -23.18 5.34
N ASN B 344 7.36 -22.81 5.13
CA ASN B 344 7.88 -22.61 3.78
C ASN B 344 9.06 -23.50 3.50
N LYS B 345 9.20 -23.91 2.24
CA LYS B 345 10.45 -24.52 1.79
C LYS B 345 11.51 -23.42 1.86
N ASN B 346 12.77 -23.81 1.97
CA ASN B 346 13.82 -22.82 2.17
C ASN B 346 15.13 -23.30 1.59
N ALA B 347 15.71 -22.52 0.68
CA ALA B 347 16.97 -22.89 0.03
C ALA B 347 18.13 -22.93 1.04
N ILE B 348 18.92 -24.00 1.00
CA ILE B 348 20.13 -24.08 1.80
C ILE B 348 21.24 -23.38 1.02
N PRO B 349 21.96 -22.44 1.65
CA PRO B 349 22.99 -21.69 0.91
C PRO B 349 23.98 -22.62 0.21
N PHE B 350 24.28 -22.33 -1.06
CA PHE B 350 25.26 -23.07 -1.86
C PHE B 350 24.78 -24.44 -2.38
N ASP B 351 23.57 -24.85 -1.99
CA ASP B 351 22.97 -26.07 -2.51
C ASP B 351 22.74 -25.90 -4.01
N GLU B 352 23.12 -26.91 -4.80
CA GLU B 352 22.92 -26.84 -6.25
C GLU B 352 21.50 -27.25 -6.68
N THR B 353 20.69 -27.69 -5.71
CA THR B 353 19.28 -27.98 -5.96
C THR B 353 18.54 -26.71 -6.36
N SER B 354 17.64 -26.81 -7.33
CA SER B 354 16.82 -25.65 -7.70
C SER B 354 16.09 -25.05 -6.50
N PRO B 355 16.07 -23.71 -6.40
CA PRO B 355 15.32 -23.03 -5.33
C PRO B 355 13.83 -23.32 -5.44
N PHE B 356 13.38 -23.88 -6.56
CA PHE B 356 11.99 -24.29 -6.68
C PHE B 356 11.73 -25.53 -5.82
N ILE B 357 12.78 -26.33 -5.65
CA ILE B 357 12.68 -27.58 -4.92
C ILE B 357 13.13 -27.39 -3.47
N THR B 358 14.38 -26.93 -3.32
CA THR B 358 15.09 -26.78 -2.05
C THR B 358 15.38 -28.08 -1.27
N SER B 359 16.24 -27.94 -0.26
CA SER B 359 16.57 -29.04 0.64
C SER B 359 16.36 -28.59 2.09
N GLY B 360 15.47 -27.62 2.31
CA GLY B 360 15.20 -27.16 3.66
C GLY B 360 13.79 -26.65 3.87
N ILE B 361 13.44 -26.40 5.13
CA ILE B 361 12.20 -25.69 5.45
C ILE B 361 12.48 -24.62 6.48
N ARG B 362 11.64 -23.58 6.49
CA ARG B 362 11.80 -22.48 7.43
C ARG B 362 10.57 -22.43 8.32
N LEU B 363 10.80 -22.48 9.64
CA LEU B 363 9.73 -22.40 10.63
C LEU B 363 9.91 -21.16 11.45
N GLY B 364 8.80 -20.59 11.92
CA GLY B 364 8.87 -19.41 12.76
C GLY B 364 7.89 -19.49 13.90
N THR B 365 8.25 -18.91 15.04
CA THR B 365 7.37 -18.95 16.19
C THR B 365 6.40 -17.79 16.50
N PRO B 366 6.49 -16.62 15.81
CA PRO B 366 5.68 -15.50 16.33
C PRO B 366 4.17 -15.73 16.40
N ALA B 367 3.59 -16.35 15.38
CA ALA B 367 2.13 -16.53 15.34
C ALA B 367 1.59 -17.42 16.46
N CYS B 368 2.14 -18.62 16.62
CA CYS B 368 1.65 -19.46 17.71
C CYS B 368 1.97 -18.86 19.08
N THR B 369 3.08 -18.13 19.19
CA THR B 369 3.46 -17.56 20.48
C THR B 369 2.44 -16.50 20.87
N THR B 370 1.94 -15.80 19.86
CA THR B 370 0.86 -14.85 20.06
C THR B 370 -0.39 -15.55 20.60
N ARG B 371 -0.62 -16.80 20.19
CA ARG B 371 -1.78 -17.55 20.69
C ARG B 371 -1.52 -18.19 22.05
N GLY B 372 -0.34 -17.96 22.63
CA GLY B 372 -0.04 -18.45 23.97
C GLY B 372 0.83 -19.71 24.06
N PHE B 373 1.42 -20.14 22.95
CA PHE B 373 2.29 -21.31 22.98
C PHE B 373 3.49 -21.03 23.88
N LYS B 374 3.88 -22.04 24.65
CA LYS B 374 5.10 -21.99 25.46
C LYS B 374 6.08 -23.03 24.93
N GLU B 375 7.19 -23.20 25.63
CA GLU B 375 8.24 -24.12 25.16
C GLU B 375 7.74 -25.55 24.93
N LYS B 376 7.04 -26.09 25.92
CA LYS B 376 6.57 -27.48 25.84
C LYS B 376 5.60 -27.68 24.68
N ASP B 377 4.89 -26.63 24.30
CA ASP B 377 3.95 -26.71 23.20
C ASP B 377 4.71 -26.73 21.88
N PHE B 378 5.81 -26.00 21.81
CA PHE B 378 6.66 -26.06 20.63
C PHE B 378 7.49 -27.34 20.55
N VAL B 379 7.70 -27.97 21.71
CA VAL B 379 8.32 -29.28 21.73
C VAL B 379 7.39 -30.29 21.06
N LEU B 380 6.13 -30.25 21.45
CA LEU B 380 5.09 -31.06 20.81
C LEU B 380 5.04 -30.80 19.31
N VAL B 381 5.04 -29.52 18.92
CA VAL B 381 5.01 -29.15 17.50
C VAL B 381 6.24 -29.74 16.78
N GLY B 382 7.39 -29.65 17.42
CA GLY B 382 8.61 -30.18 16.84
C GLY B 382 8.53 -31.67 16.56
N HIS B 383 7.83 -32.39 17.43
CA HIS B 383 7.69 -33.84 17.26
CA HIS B 383 7.69 -33.84 17.26
C HIS B 383 6.68 -34.17 16.16
N MET B 384 5.67 -33.32 16.01
CA MET B 384 4.69 -33.50 14.94
C MET B 384 5.37 -33.30 13.60
N VAL B 385 6.20 -32.27 13.52
CA VAL B 385 7.00 -32.00 12.33
C VAL B 385 7.91 -33.18 12.03
N ALA B 386 8.63 -33.65 13.05
CA ALA B 386 9.50 -34.82 12.88
C ALA B 386 8.72 -36.05 12.44
N ASP B 387 7.53 -36.25 12.98
CA ASP B 387 6.70 -37.37 12.58
C ASP B 387 6.46 -37.33 11.07
N ILE B 388 6.11 -36.16 10.55
CA ILE B 388 5.82 -36.01 9.13
C ILE B 388 7.07 -36.24 8.27
N LEU B 389 8.18 -35.65 8.70
CA LEU B 389 9.44 -35.83 7.97
C LEU B 389 9.86 -37.29 7.97
N ASP B 390 9.71 -37.96 9.11
CA ASP B 390 10.02 -39.39 9.17
C ASP B 390 9.16 -40.16 8.18
N GLY B 391 7.90 -39.74 8.03
CA GLY B 391 6.98 -40.42 7.12
C GLY B 391 7.42 -40.24 5.68
N LEU B 392 7.94 -39.07 5.36
CA LEU B 392 8.41 -38.81 4.00
C LEU B 392 9.63 -39.66 3.64
N LYS B 393 10.39 -40.05 4.65
CA LYS B 393 11.57 -40.89 4.47
C LYS B 393 11.20 -42.34 4.27
N ASN B 394 10.06 -42.73 4.80
CA ASN B 394 9.70 -44.15 4.91
C ASN B 394 8.40 -44.55 4.21
N ASN B 395 7.84 -43.65 3.41
CA ASN B 395 6.57 -43.89 2.74
C ASN B 395 6.49 -43.15 1.42
N GLU B 396 5.99 -43.82 0.39
CA GLU B 396 5.65 -43.15 -0.85
C GLU B 396 4.44 -42.26 -0.62
N ASP B 397 3.46 -42.80 0.12
CA ASP B 397 2.22 -42.09 0.42
C ASP B 397 2.18 -41.70 1.91
N ASN B 398 2.20 -40.40 2.18
CA ASN B 398 2.21 -39.90 3.56
C ASN B 398 0.80 -39.50 4.04
N SER B 399 -0.23 -39.90 3.30
CA SER B 399 -1.60 -39.48 3.60
C SER B 399 -2.08 -39.93 4.97
N ALA B 400 -1.85 -41.19 5.30
CA ALA B 400 -2.27 -41.74 6.58
C ALA B 400 -1.65 -40.97 7.74
N LEU B 401 -0.34 -40.72 7.67
CA LEU B 401 0.34 -40.00 8.72
C LEU B 401 -0.11 -38.54 8.78
N GLU B 402 -0.37 -37.94 7.62
CA GLU B 402 -0.82 -36.55 7.58
C GLU B 402 -2.14 -36.39 8.35
N GLN B 403 -3.04 -37.35 8.16
CA GLN B 403 -4.33 -37.31 8.84
C GLN B 403 -4.15 -37.57 10.33
N GLN B 404 -3.25 -38.48 10.66
CA GLN B 404 -2.88 -38.75 12.05
C GLN B 404 -2.43 -37.46 12.74
N VAL B 405 -1.45 -36.80 12.14
CA VAL B 405 -0.86 -35.58 12.70
C VAL B 405 -1.89 -34.44 12.74
N LEU B 406 -2.71 -34.34 11.70
CA LEU B 406 -3.74 -33.30 11.67
C LEU B 406 -4.72 -33.45 12.84
N ASN B 407 -5.00 -34.69 13.22
CA ASN B 407 -5.82 -34.96 14.40
C ASN B 407 -5.16 -34.37 15.63
N GLU B 408 -3.85 -34.59 15.78
CA GLU B 408 -3.07 -34.05 16.90
CA GLU B 408 -3.14 -34.06 16.93
C GLU B 408 -3.12 -32.53 16.90
N VAL B 409 -2.88 -31.97 15.73
CA VAL B 409 -2.82 -30.53 15.57
C VAL B 409 -4.12 -29.88 16.02
N THR B 410 -5.24 -30.50 15.65
CA THR B 410 -6.56 -29.98 15.93
C THR B 410 -6.83 -29.97 17.43
N LYS B 411 -6.37 -31.01 18.12
CA LYS B 411 -6.60 -31.10 19.55
C LYS B 411 -5.64 -30.18 20.31
N LEU B 412 -4.50 -29.85 19.71
CA LEU B 412 -3.54 -28.96 20.36
C LEU B 412 -3.93 -27.50 20.17
N ILE B 413 -4.29 -27.12 18.94
CA ILE B 413 -4.54 -25.72 18.67
C ILE B 413 -5.83 -25.18 19.28
N GLU B 414 -6.84 -26.03 19.44
CA GLU B 414 -8.10 -25.61 20.07
C GLU B 414 -7.96 -25.34 21.56
N LEU B 415 -6.77 -25.62 22.12
CA LEU B 415 -6.50 -25.31 23.52
C LEU B 415 -6.07 -23.86 23.79
N PHE B 416 -5.86 -23.09 22.72
CA PHE B 416 -5.30 -21.73 22.84
C PHE B 416 -6.27 -20.66 22.35
N PRO B 417 -6.16 -19.44 22.89
CA PRO B 417 -7.12 -18.39 22.53
C PRO B 417 -6.97 -17.89 21.10
N PHE B 418 -8.04 -17.27 20.60
CA PHE B 418 -8.04 -16.66 19.29
C PHE B 418 -9.07 -15.53 19.33
N TYR B 419 -9.33 -14.93 18.17
CA TYR B 419 -10.36 -13.90 18.05
C TYR B 419 -11.71 -14.40 18.53
N GLY B 420 -12.45 -13.56 19.25
CA GLY B 420 -13.78 -13.91 19.71
C GLY B 420 -14.72 -14.28 18.59
#